data_6UK4
#
_entry.id   6UK4
#
_cell.length_a   60.310
_cell.length_b   86.507
_cell.length_c   238.780
_cell.angle_alpha   90.000
_cell.angle_beta   90.000
_cell.angle_gamma   90.000
#
_symmetry.space_group_name_H-M   'P 21 21 21'
#
loop_
_entity.id
_entity.type
_entity.pdbx_description
1 polymer 'MHC class I antigen'
2 polymer Beta-2-microglobulin
3 polymer 'Protein-cysteine N-palmitoyltransferase HHAT'
4 polymer '302 TIL T cell receptor alpha chain'
5 polymer '302 TIL T cell receptor beta chain'
#
loop_
_entity_poly.entity_id
_entity_poly.type
_entity_poly.pdbx_seq_one_letter_code
_entity_poly.pdbx_strand_id
1 'polypeptide(L)'
;MGSHSMRYFYTSVSRPGRGEPRFIAVGYVDDTQFVRFDSDAASQRMEPRAPWIEQEGPEYWDGETRKVKAHSQTHRVDLG
TLRGYYNQSEAGSHTVQRMYGCDVGSDWRFLRGYHQYAYDGKDYIALKEDLRSWTAADMAAQTTKHKWEAAHVAEQLRAY
LEGTCVEWLRRYLENGKETLQRTDAPKTHMTHHAVSDHEATLRCWALSFYPAEITLTWQRDGEDQTQDTELVETRPAGDG
TFQKWAAVVVPSGQEQRYTCHVQHEGLPKPLTLRWE
;
A
2 'polypeptide(L)'
;MIQRTPKIQVYSRHPAENGKSNFLNCYVSGFHPSDIEVDLLKNGERIEKVEHSDLSFSKDWSFYLLYYTEFTPTEKDEYA
CRVNHVTLSQPKIVKWDRDM
;
B
3 'polypeptide(L)' KQWLVWLFL C
4 'polypeptide(L)'
;MAQTVTQSQPEMSVQEAETVTLSCTYDTSESDYYLFWYKQPPSRQMILVIRQEAYKQQNATENRFSVNFQKAAKSFSLKI
SDSQLGDAAMYFCAFMDSNYQLIWGAGTKLIIKPNIQNPDPAVYQLRDSKSSDKSVCLFTDFDSQTNVSQSKDSDVYITD
KCVLDMRSMDFKSNSAVAWSNKSDFACANAFNNSIIPEDTFFPSPESS
;
D
5 'polypeptide(L)'
;MDAGVIQSPRHEVTEMGQEVTLRCKPISGHNSLFWYRQTMMRGLELLIYFNNNVPIDDSGMPEDRFSAKMPNASFSTLKI
QPSEPRDSAVYFCASSRTSPTDTQYFGPGTRLTVLEDLKNVFPPEVAVFEPSEAEISHTQKATLVCLATGFYPDHVELSW
WVNGKEVHSGVCTDPQPLKEQPALNDSRYALSSRLRVSATFWQDPRNHFRCQVQFYGLSENDEWTQDRAKPVTQIVSAEA
WGRAD
;
E
#
# COMPACT_ATOMS: atom_id res chain seq x y z
N GLY A 2 -25.95 25.55 4.05
CA GLY A 2 -25.29 24.32 3.51
C GLY A 2 -25.98 23.06 3.98
N SER A 3 -25.22 21.99 4.16
CA SER A 3 -25.76 20.73 4.62
C SER A 3 -25.62 20.62 6.13
N HIS A 4 -26.47 19.77 6.72
CA HIS A 4 -26.49 19.60 8.17
C HIS A 4 -26.56 18.11 8.49
N SER A 5 -26.22 17.78 9.74
CA SER A 5 -26.13 16.40 10.14
C SER A 5 -26.69 16.21 11.54
N MET A 6 -27.32 15.07 11.76
CA MET A 6 -27.65 14.60 13.10
C MET A 6 -27.01 13.24 13.28
N ARG A 7 -26.36 13.04 14.43
CA ARG A 7 -25.66 11.80 14.70
C ARG A 7 -25.75 11.44 16.17
N TYR A 8 -26.03 10.17 16.45
CA TYR A 8 -26.01 9.62 17.80
C TYR A 8 -24.83 8.66 17.92
N PHE A 9 -24.06 8.83 18.99
CA PHE A 9 -22.92 7.99 19.32
C PHE A 9 -23.17 7.26 20.63
N TYR A 10 -22.89 5.96 20.66
CA TYR A 10 -23.06 5.14 21.84
C TYR A 10 -21.79 4.37 22.12
N THR A 11 -21.44 4.21 23.40
CA THR A 11 -20.22 3.51 23.79
C THR A 11 -20.48 2.72 25.06
N SER A 12 -20.21 1.42 25.02
CA SER A 12 -20.39 0.56 26.19
C SER A 12 -19.12 -0.25 26.40
N VAL A 13 -18.54 -0.12 27.59
CA VAL A 13 -17.34 -0.85 27.96
C VAL A 13 -17.66 -1.78 29.11
N SER A 14 -17.20 -3.02 29.03
CA SER A 14 -17.50 -4.03 30.03
C SER A 14 -16.55 -3.91 31.20
N ARG A 15 -17.09 -4.03 32.41
CA ARG A 15 -16.29 -4.06 33.63
C ARG A 15 -16.40 -5.45 34.25
N PRO A 16 -15.45 -6.36 33.99
CA PRO A 16 -15.59 -7.73 34.48
C PRO A 16 -15.63 -7.78 36.00
N GLY A 17 -16.68 -8.43 36.52
CA GLY A 17 -16.83 -8.63 37.95
C GLY A 17 -17.21 -7.40 38.73
N ARG A 18 -16.93 -6.21 38.21
CA ARG A 18 -17.22 -4.98 38.91
C ARG A 18 -18.67 -4.54 38.75
N GLY A 19 -19.34 -4.97 37.71
CA GLY A 19 -20.74 -4.63 37.52
C GLY A 19 -21.09 -4.59 36.04
N GLU A 20 -22.31 -4.13 35.79
CA GLU A 20 -22.80 -4.06 34.42
C GLU A 20 -21.93 -3.08 33.62
N PRO A 21 -21.91 -3.23 32.31
CA PRO A 21 -21.05 -2.36 31.49
C PRO A 21 -21.41 -0.90 31.65
N ARG A 22 -20.38 -0.06 31.67
CA ARG A 22 -20.57 1.38 31.58
C ARG A 22 -21.09 1.72 30.19
N PHE A 23 -22.13 2.56 30.14
CA PHE A 23 -22.75 2.97 28.88
C PHE A 23 -22.88 4.48 28.85
N ILE A 24 -22.45 5.08 27.75
CA ILE A 24 -22.54 6.53 27.57
C ILE A 24 -23.02 6.80 26.15
N ALA A 25 -24.01 7.69 26.02
CA ALA A 25 -24.55 8.05 24.73
C ALA A 25 -24.57 9.57 24.60
N VAL A 26 -24.34 10.06 23.39
CA VAL A 26 -24.33 11.48 23.12
C VAL A 26 -24.96 11.74 21.76
N GLY A 27 -25.63 12.87 21.64
CA GLY A 27 -26.26 13.28 20.41
C GLY A 27 -25.68 14.60 19.93
N TYR A 28 -25.51 14.71 18.62
CA TYR A 28 -24.96 15.91 18.01
C TYR A 28 -25.82 16.31 16.82
N VAL A 29 -25.98 17.62 16.66
CA VAL A 29 -26.42 18.23 15.41
C VAL A 29 -25.23 19.01 14.89
N ASP A 30 -24.77 18.65 13.69
CA ASP A 30 -23.53 19.21 13.17
C ASP A 30 -22.50 19.03 14.28
N ASP A 31 -21.81 20.12 14.66
CA ASP A 31 -20.77 20.06 15.68
C ASP A 31 -21.20 20.53 17.06
N THR A 32 -22.49 20.41 17.37
CA THR A 32 -23.06 20.86 18.64
C THR A 32 -23.73 19.69 19.34
N GLN A 33 -23.28 19.39 20.55
CA GLN A 33 -23.92 18.38 21.36
C GLN A 33 -25.20 18.90 22.00
N PHE A 34 -26.25 18.06 22.02
CA PHE A 34 -27.50 18.48 22.63
C PHE A 34 -28.15 17.51 23.61
N VAL A 35 -27.67 16.27 23.72
CA VAL A 35 -28.20 15.33 24.70
C VAL A 35 -27.09 14.38 25.14
N ARG A 36 -27.31 13.71 26.27
CA ARG A 36 -26.38 12.73 26.78
C ARG A 36 -27.16 11.70 27.57
N PHE A 37 -26.51 10.57 27.84
CA PHE A 37 -26.98 9.61 28.85
C PHE A 37 -25.77 8.92 29.43
N ASP A 38 -25.72 8.85 30.77
CA ASP A 38 -24.65 8.18 31.50
C ASP A 38 -25.27 7.16 32.43
N SER A 39 -25.03 5.87 32.15
CA SER A 39 -25.62 4.81 32.97
C SER A 39 -25.15 4.86 34.42
N ASP A 40 -24.02 5.51 34.69
CA ASP A 40 -23.55 5.67 36.06
C ASP A 40 -24.14 6.90 36.75
N ALA A 41 -24.85 7.76 36.01
CA ALA A 41 -25.44 8.94 36.60
C ALA A 41 -26.70 8.58 37.38
N ALA A 42 -26.98 9.36 38.43
CA ALA A 42 -28.09 9.04 39.31
C ALA A 42 -29.44 9.34 38.66
N SER A 43 -29.49 10.31 37.75
CA SER A 43 -30.77 10.68 37.15
C SER A 43 -31.36 9.50 36.38
N GLN A 44 -30.53 8.73 35.68
CA GLN A 44 -31.00 7.68 34.78
C GLN A 44 -32.00 8.24 33.79
N ARG A 45 -31.72 9.44 33.28
CA ARG A 45 -32.53 10.12 32.30
C ARG A 45 -31.65 10.61 31.17
N MET A 46 -32.22 10.73 29.98
CA MET A 46 -31.58 11.48 28.91
C MET A 46 -31.64 12.96 29.25
N GLU A 47 -30.48 13.60 29.35
CA GLU A 47 -30.43 14.98 29.84
C GLU A 47 -30.12 15.96 28.72
N PRO A 48 -30.65 17.18 28.78
CA PRO A 48 -30.31 18.18 27.78
C PRO A 48 -28.92 18.74 27.99
N ARG A 49 -28.27 19.07 26.87
CA ARG A 49 -26.95 19.69 26.90
C ARG A 49 -26.87 20.96 26.06
N ALA A 50 -27.89 21.27 25.26
CA ALA A 50 -27.99 22.52 24.54
C ALA A 50 -29.17 23.32 25.05
N PRO A 51 -29.12 24.65 24.98
CA PRO A 51 -30.24 25.45 25.51
C PRO A 51 -31.49 25.34 24.65
N TRP A 52 -31.34 25.07 23.35
CA TRP A 52 -32.47 25.04 22.43
C TRP A 52 -33.24 23.73 22.44
N ILE A 53 -32.75 22.70 23.16
CA ILE A 53 -33.47 21.45 23.28
C ILE A 53 -34.28 21.37 24.56
N GLU A 54 -34.10 22.31 25.49
CA GLU A 54 -34.88 22.30 26.71
C GLU A 54 -36.34 22.64 26.46
N GLN A 55 -36.66 23.29 25.35
CA GLN A 55 -38.04 23.61 25.01
C GLN A 55 -38.89 22.35 24.82
N GLU A 56 -38.27 21.17 24.76
CA GLU A 56 -39.02 19.94 24.61
C GLU A 56 -39.68 19.55 25.93
N GLY A 57 -40.93 19.09 25.85
CA GLY A 57 -41.67 18.75 27.02
C GLY A 57 -41.19 17.46 27.64
N PRO A 58 -41.86 17.04 28.72
CA PRO A 58 -41.46 15.82 29.41
C PRO A 58 -41.70 14.55 28.60
N GLU A 59 -42.65 14.57 27.65
CA GLU A 59 -42.90 13.38 26.85
C GLU A 59 -41.72 13.07 25.94
N TYR A 60 -41.16 14.11 25.29
CA TYR A 60 -39.97 13.91 24.48
C TYR A 60 -38.86 13.24 25.28
N TRP A 61 -38.64 13.71 26.50
CA TRP A 61 -37.55 13.17 27.33
C TRP A 61 -37.87 11.76 27.78
N ASP A 62 -39.13 11.48 28.15
CA ASP A 62 -39.50 10.11 28.50
C ASP A 62 -39.20 9.16 27.34
N GLY A 63 -39.60 9.55 26.13
CA GLY A 63 -39.36 8.70 24.97
C GLY A 63 -37.89 8.47 24.70
N GLU A 64 -37.10 9.55 24.74
CA GLU A 64 -35.68 9.42 24.46
C GLU A 64 -34.98 8.60 25.54
N THR A 65 -35.44 8.71 26.78
CA THR A 65 -34.85 7.91 27.86
C THR A 65 -35.16 6.43 27.66
N ARG A 66 -36.41 6.11 27.32
CA ARG A 66 -36.74 4.70 27.08
C ARG A 66 -35.94 4.16 25.91
N LYS A 67 -35.80 4.94 24.84
CA LYS A 67 -35.05 4.45 23.68
C LYS A 67 -33.58 4.24 24.03
N VAL A 68 -32.97 5.18 24.75
CA VAL A 68 -31.54 5.05 25.04
C VAL A 68 -31.31 3.88 25.98
N LYS A 69 -32.24 3.62 26.89
CA LYS A 69 -32.09 2.43 27.72
C LYS A 69 -32.21 1.17 26.89
N ALA A 70 -33.11 1.14 25.90
CA ALA A 70 -33.18 0.00 25.00
C ALA A 70 -31.84 -0.23 24.29
N HIS A 71 -31.23 0.85 23.80
CA HIS A 71 -29.94 0.73 23.12
C HIS A 71 -28.86 0.26 24.08
N SER A 72 -28.92 0.71 25.33
CA SER A 72 -27.99 0.23 26.35
C SER A 72 -28.14 -1.28 26.54
N GLN A 73 -29.38 -1.78 26.59
CA GLN A 73 -29.59 -3.21 26.74
C GLN A 73 -29.07 -3.98 25.53
N THR A 74 -29.31 -3.46 24.32
CA THR A 74 -28.80 -4.13 23.13
C THR A 74 -27.28 -4.21 23.17
N HIS A 75 -26.63 -3.13 23.61
CA HIS A 75 -25.17 -3.17 23.75
C HIS A 75 -24.75 -4.17 24.82
N ARG A 76 -25.51 -4.26 25.92
CA ARG A 76 -25.18 -5.20 26.99
C ARG A 76 -25.21 -6.63 26.48
N VAL A 77 -26.13 -6.93 25.56
CA VAL A 77 -26.16 -8.26 24.96
C VAL A 77 -25.06 -8.42 23.92
N ASP A 78 -24.79 -7.36 23.15
CA ASP A 78 -23.79 -7.43 22.08
C ASP A 78 -22.41 -7.72 22.65
N LEU A 79 -22.09 -7.20 23.83
CA LEU A 79 -20.79 -7.46 24.43
C LEU A 79 -20.54 -8.96 24.57
N GLY A 80 -21.50 -9.67 25.18
CA GLY A 80 -21.36 -11.11 25.31
C GLY A 80 -21.42 -11.82 23.97
N THR A 81 -22.27 -11.35 23.06
CA THR A 81 -22.35 -11.98 21.74
C THR A 81 -20.99 -11.93 21.05
N LEU A 82 -20.30 -10.80 21.13
CA LEU A 82 -18.99 -10.66 20.48
C LEU A 82 -17.92 -11.43 21.24
N ARG A 83 -17.98 -11.41 22.58
CA ARG A 83 -17.08 -12.25 23.36
C ARG A 83 -17.20 -13.72 22.95
N GLY A 84 -18.39 -14.15 22.57
CA GLY A 84 -18.58 -15.50 22.10
C GLY A 84 -18.11 -15.70 20.66
N TYR A 85 -18.39 -14.71 19.80
CA TYR A 85 -17.98 -14.82 18.41
C TYR A 85 -16.48 -14.85 18.17
N TYR A 86 -15.70 -14.37 19.14
CA TYR A 86 -14.26 -14.23 18.99
C TYR A 86 -13.56 -15.15 19.98
N ASN A 87 -14.31 -15.91 20.77
CA ASN A 87 -13.74 -16.89 21.70
C ASN A 87 -12.76 -16.22 22.66
N GLN A 88 -13.27 -15.22 23.38
CA GLN A 88 -12.50 -14.45 24.34
C GLN A 88 -13.00 -14.73 25.74
N SER A 89 -12.09 -14.66 26.71
CA SER A 89 -12.44 -14.92 28.09
C SER A 89 -13.12 -13.71 28.72
N GLU A 90 -13.99 -13.99 29.69
CA GLU A 90 -14.73 -12.92 30.37
C GLU A 90 -13.81 -11.98 31.14
N ALA A 91 -12.58 -12.41 31.45
CA ALA A 91 -11.69 -11.61 32.28
C ALA A 91 -11.34 -10.28 31.63
N GLY A 92 -11.46 -10.16 30.31
CA GLY A 92 -11.04 -8.97 29.61
C GLY A 92 -12.14 -7.91 29.51
N SER A 93 -11.72 -6.65 29.64
CA SER A 93 -12.61 -5.52 29.45
C SER A 93 -12.64 -5.14 27.97
N HIS A 94 -13.84 -4.97 27.42
CA HIS A 94 -14.02 -4.76 26.00
C HIS A 94 -14.92 -3.57 25.75
N THR A 95 -14.82 -3.03 24.54
CA THR A 95 -15.52 -1.82 24.13
C THR A 95 -16.37 -2.13 22.90
N VAL A 96 -17.60 -1.63 22.90
CA VAL A 96 -18.48 -1.68 21.74
C VAL A 96 -18.97 -0.26 21.47
N GLN A 97 -18.68 0.25 20.27
CA GLN A 97 -19.07 1.59 19.87
C GLN A 97 -20.05 1.51 18.72
N ARG A 98 -21.06 2.37 18.74
CA ARG A 98 -22.09 2.43 17.71
C ARG A 98 -22.33 3.89 17.33
N MET A 99 -22.61 4.14 16.05
CA MET A 99 -22.85 5.51 15.62
C MET A 99 -23.74 5.51 14.40
N TYR A 100 -24.84 6.26 14.45
CA TYR A 100 -25.70 6.35 13.29
C TYR A 100 -26.28 7.75 13.18
N GLY A 101 -26.86 8.03 12.01
CA GLY A 101 -27.41 9.34 11.80
C GLY A 101 -27.70 9.59 10.34
N CYS A 102 -28.00 10.86 10.06
CA CYS A 102 -28.45 11.30 8.76
C CYS A 102 -27.89 12.67 8.44
N ASP A 103 -27.62 12.89 7.15
CA ASP A 103 -27.22 14.17 6.62
C ASP A 103 -28.28 14.65 5.64
N VAL A 104 -28.43 15.98 5.61
CA VAL A 104 -29.46 16.68 4.83
C VAL A 104 -28.77 17.78 4.04
N GLY A 105 -29.28 18.04 2.82
CA GLY A 105 -28.70 19.04 1.94
C GLY A 105 -29.27 20.42 2.19
N SER A 106 -28.97 21.34 1.25
CA SER A 106 -29.42 22.72 1.38
C SER A 106 -30.93 22.87 1.20
N ASP A 107 -31.54 22.04 0.36
CA ASP A 107 -32.99 21.98 0.23
C ASP A 107 -33.65 21.31 1.43
N TRP A 108 -32.86 20.90 2.43
CA TRP A 108 -33.34 20.21 3.62
C TRP A 108 -34.02 18.89 3.29
N ARG A 109 -33.66 18.30 2.15
CA ARG A 109 -34.07 16.95 1.82
C ARG A 109 -33.02 15.95 2.27
N PHE A 110 -33.47 14.73 2.52
CA PHE A 110 -32.56 13.66 2.94
C PHE A 110 -31.45 13.50 1.91
N LEU A 111 -30.21 13.64 2.38
CA LEU A 111 -29.05 13.51 1.51
C LEU A 111 -28.38 12.15 1.66
N ARG A 112 -28.17 11.69 2.89
CA ARG A 112 -27.53 10.39 3.07
C ARG A 112 -27.74 9.93 4.50
N GLY A 113 -27.47 8.65 4.74
CA GLY A 113 -27.60 8.08 6.06
C GLY A 113 -26.45 7.15 6.34
N TYR A 114 -26.25 6.85 7.62
CA TYR A 114 -25.18 5.94 7.97
C TYR A 114 -25.45 5.29 9.33
N HIS A 115 -24.86 4.11 9.49
CA HIS A 115 -25.04 3.28 10.68
C HIS A 115 -23.85 2.34 10.76
N GLN A 116 -23.04 2.45 11.81
CA GLN A 116 -21.80 1.70 11.90
C GLN A 116 -21.57 1.23 13.33
N TYR A 117 -20.91 0.08 13.44
CA TYR A 117 -20.50 -0.51 14.71
C TYR A 117 -18.99 -0.73 14.71
N ALA A 118 -18.43 -0.88 15.91
CA ALA A 118 -17.01 -1.12 16.07
C ALA A 118 -16.77 -1.85 17.38
N TYR A 119 -15.81 -2.75 17.38
CA TYR A 119 -15.47 -3.55 18.56
C TYR A 119 -14.02 -3.32 18.92
N ASP A 120 -13.78 -3.03 20.21
CA ASP A 120 -12.43 -2.83 20.74
C ASP A 120 -11.63 -1.84 19.89
N GLY A 121 -12.34 -0.93 19.22
CA GLY A 121 -11.72 0.16 18.52
C GLY A 121 -11.60 0.01 17.01
N LYS A 122 -12.13 -1.06 16.43
CA LYS A 122 -11.98 -1.32 15.01
C LYS A 122 -13.33 -1.63 14.38
N ASP A 123 -13.46 -1.25 13.12
CA ASP A 123 -14.69 -1.46 12.37
C ASP A 123 -15.17 -2.90 12.52
N TYR A 124 -16.47 -3.06 12.79
CA TYR A 124 -17.10 -4.36 12.84
C TYR A 124 -18.07 -4.57 11.69
N ILE A 125 -19.06 -3.70 11.54
CA ILE A 125 -20.01 -3.77 10.44
C ILE A 125 -20.52 -2.36 10.14
N ALA A 126 -20.91 -2.13 8.89
CA ALA A 126 -21.38 -0.81 8.50
C ALA A 126 -22.46 -0.95 7.43
N LEU A 127 -23.31 0.06 7.36
CA LEU A 127 -24.36 0.12 6.34
C LEU A 127 -23.84 0.85 5.10
N LYS A 128 -24.04 0.23 3.94
CA LYS A 128 -23.56 0.78 2.68
C LYS A 128 -24.38 2.01 2.30
N GLU A 129 -23.77 2.87 1.48
CA GLU A 129 -24.38 4.14 1.13
C GLU A 129 -25.56 3.99 0.18
N ASP A 130 -25.83 2.79 -0.31
CA ASP A 130 -27.10 2.53 -1.00
C ASP A 130 -28.22 2.18 -0.01
N LEU A 131 -27.90 2.07 1.28
CA LEU A 131 -28.89 1.81 2.33
C LEU A 131 -29.66 0.53 2.07
N ARG A 132 -29.01 -0.44 1.42
CA ARG A 132 -29.60 -1.73 1.13
C ARG A 132 -28.70 -2.90 1.49
N SER A 133 -27.44 -2.67 1.86
CA SER A 133 -26.50 -3.75 2.08
C SER A 133 -25.53 -3.38 3.19
N TRP A 134 -24.78 -4.37 3.64
CA TRP A 134 -23.86 -4.21 4.77
C TRP A 134 -22.47 -4.66 4.37
N THR A 135 -21.48 -3.94 4.86
CA THR A 135 -20.08 -4.34 4.73
C THR A 135 -19.62 -4.90 6.06
N ALA A 136 -19.05 -6.10 6.02
CA ALA A 136 -18.60 -6.82 7.19
C ALA A 136 -17.10 -7.09 7.07
N ALA A 137 -16.44 -7.10 8.23
CA ALA A 137 -14.99 -7.28 8.29
C ALA A 137 -14.50 -8.73 8.48
N ASP A 138 -14.99 -9.38 9.54
CA ASP A 138 -14.52 -10.69 9.93
C ASP A 138 -15.64 -11.65 9.49
N MET A 139 -15.48 -12.93 9.83
CA MET A 139 -16.59 -13.87 9.72
C MET A 139 -17.67 -13.70 10.78
N ALA A 140 -17.32 -13.09 11.92
CA ALA A 140 -18.34 -12.78 12.91
C ALA A 140 -19.21 -11.62 12.42
N ALA A 141 -18.58 -10.58 11.87
CA ALA A 141 -19.34 -9.54 11.20
C ALA A 141 -20.13 -10.12 10.05
N GLN A 142 -19.60 -11.15 9.39
CA GLN A 142 -20.35 -11.84 8.35
C GLN A 142 -21.61 -12.48 8.93
N THR A 143 -21.50 -13.05 10.13
CA THR A 143 -22.67 -13.67 10.77
C THR A 143 -23.71 -12.63 11.14
N THR A 144 -23.28 -11.51 11.75
CA THR A 144 -24.20 -10.43 12.02
C THR A 144 -24.88 -9.93 10.75
N LYS A 145 -24.10 -9.82 9.66
CA LYS A 145 -24.64 -9.39 8.38
C LYS A 145 -25.72 -10.35 7.89
N HIS A 146 -25.48 -11.65 8.00
CA HIS A 146 -26.49 -12.62 7.60
C HIS A 146 -27.74 -12.49 8.46
N LYS A 147 -27.56 -12.34 9.77
CA LYS A 147 -28.70 -12.15 10.67
C LYS A 147 -29.53 -10.95 10.25
N TRP A 148 -28.87 -9.82 9.98
CA TRP A 148 -29.59 -8.60 9.63
C TRP A 148 -30.25 -8.71 8.26
N GLU A 149 -29.59 -9.39 7.32
CA GLU A 149 -30.21 -9.62 6.02
C GLU A 149 -31.45 -10.50 6.16
N ALA A 150 -31.44 -11.43 7.10
CA ALA A 150 -32.61 -12.28 7.32
C ALA A 150 -33.75 -11.50 7.94
N ALA A 151 -33.44 -10.62 8.90
CA ALA A 151 -34.45 -9.86 9.62
C ALA A 151 -34.90 -8.60 8.88
N HIS A 152 -34.38 -8.34 7.68
CA HIS A 152 -34.75 -7.16 6.90
C HIS A 152 -34.48 -5.87 7.67
N VAL A 153 -33.30 -5.81 8.29
CA VAL A 153 -32.94 -4.65 9.09
C VAL A 153 -32.72 -3.43 8.21
N ALA A 154 -32.19 -3.63 7.00
CA ALA A 154 -31.83 -2.50 6.15
C ALA A 154 -33.05 -1.67 5.80
N GLU A 155 -34.20 -2.32 5.52
CA GLU A 155 -35.39 -1.58 5.13
C GLU A 155 -35.91 -0.72 6.28
N GLN A 156 -35.97 -1.28 7.48
CA GLN A 156 -36.44 -0.52 8.63
C GLN A 156 -35.49 0.65 8.93
N LEU A 157 -34.18 0.40 8.91
CA LEU A 157 -33.23 1.46 9.17
C LEU A 157 -33.34 2.56 8.13
N ARG A 158 -33.49 2.19 6.85
CA ARG A 158 -33.66 3.16 5.79
C ARG A 158 -34.91 4.01 6.02
N ALA A 159 -36.02 3.37 6.41
CA ALA A 159 -37.24 4.11 6.66
C ALA A 159 -37.04 5.12 7.79
N TYR A 160 -36.41 4.70 8.88
CA TYR A 160 -36.12 5.63 9.97
C TYR A 160 -35.29 6.81 9.48
N LEU A 161 -34.15 6.51 8.83
CA LEU A 161 -33.23 7.56 8.44
C LEU A 161 -33.89 8.53 7.47
N GLU A 162 -34.67 8.02 6.51
CA GLU A 162 -35.28 8.87 5.52
C GLU A 162 -36.56 9.54 6.00
N GLY A 163 -37.11 9.14 7.14
CA GLY A 163 -38.26 9.84 7.69
C GLY A 163 -37.97 10.60 8.97
N THR A 164 -37.85 9.88 10.07
CA THR A 164 -37.84 10.52 11.38
C THR A 164 -36.51 11.19 11.68
N CYS A 165 -35.40 10.53 11.36
CA CYS A 165 -34.09 11.14 11.58
C CYS A 165 -34.01 12.53 10.94
N VAL A 166 -34.34 12.62 9.65
CA VAL A 166 -34.21 13.89 8.94
C VAL A 166 -35.28 14.87 9.41
N GLU A 167 -36.50 14.40 9.69
CA GLU A 167 -37.55 15.33 10.12
C GLU A 167 -37.17 16.00 11.43
N TRP A 168 -36.66 15.24 12.39
CA TRP A 168 -36.30 15.86 13.66
C TRP A 168 -34.94 16.56 13.61
N LEU A 169 -34.08 16.22 12.64
CA LEU A 169 -32.96 17.09 12.36
C LEU A 169 -33.45 18.47 11.94
N ARG A 170 -34.38 18.52 10.99
CA ARG A 170 -34.99 19.79 10.58
C ARG A 170 -35.58 20.53 11.77
N ARG A 171 -36.33 19.81 12.61
CA ARG A 171 -36.97 20.46 13.75
C ARG A 171 -35.95 21.00 14.74
N TYR A 172 -34.84 20.28 14.94
CA TYR A 172 -33.79 20.78 15.82
C TYR A 172 -33.11 22.00 15.22
N LEU A 173 -32.91 22.01 13.90
CA LEU A 173 -32.33 23.17 13.24
C LEU A 173 -33.23 24.39 13.39
N GLU A 174 -34.54 24.17 13.33
CA GLU A 174 -35.49 25.26 13.47
C GLU A 174 -35.56 25.76 14.91
N ASN A 175 -35.58 24.85 15.89
CA ASN A 175 -35.67 25.26 17.28
C ASN A 175 -34.40 25.95 17.74
N GLY A 176 -33.24 25.49 17.26
CA GLY A 176 -31.97 26.09 17.63
C GLY A 176 -31.32 26.84 16.49
N LYS A 177 -32.13 27.56 15.70
CA LYS A 177 -31.59 28.24 14.53
C LYS A 177 -30.48 29.20 14.92
N GLU A 178 -30.62 29.90 16.05
CA GLU A 178 -29.62 30.88 16.44
C GLU A 178 -28.28 30.22 16.75
N THR A 179 -28.30 28.99 17.27
CA THR A 179 -27.08 28.26 17.58
C THR A 179 -26.57 27.47 16.37
N LEU A 180 -27.46 26.72 15.72
CA LEU A 180 -27.07 25.75 14.71
C LEU A 180 -26.97 26.35 13.31
N GLN A 181 -27.88 27.23 12.92
CA GLN A 181 -27.84 27.81 11.58
C GLN A 181 -26.92 29.02 11.47
N ARG A 182 -25.78 29.00 12.16
CA ARG A 182 -24.86 30.13 12.13
C ARG A 182 -23.48 29.66 11.67
N THR A 183 -22.70 30.62 11.15
CA THR A 183 -21.31 30.40 10.81
C THR A 183 -20.48 31.50 11.44
N ASP A 184 -19.48 31.12 12.22
CA ASP A 184 -18.58 32.06 12.88
C ASP A 184 -17.23 32.00 12.17
N ALA A 185 -16.88 33.08 11.49
CA ALA A 185 -15.59 33.10 10.81
C ALA A 185 -14.48 33.07 11.85
N PRO A 186 -13.31 32.54 11.49
CA PRO A 186 -12.21 32.48 12.45
C PRO A 186 -11.56 33.83 12.61
N LYS A 187 -11.28 34.19 13.87
CA LYS A 187 -10.43 35.32 14.18
C LYS A 187 -8.98 34.87 14.08
N THR A 188 -8.21 35.49 13.18
CA THR A 188 -6.88 35.01 12.86
C THR A 188 -5.82 36.00 13.29
N HIS A 189 -4.67 35.46 13.70
CA HIS A 189 -3.49 36.29 13.92
C HIS A 189 -2.25 35.43 13.79
N MET A 190 -1.09 36.07 13.92
CA MET A 190 0.19 35.41 13.72
C MET A 190 1.15 35.76 14.85
N THR A 191 2.07 34.83 15.11
CA THR A 191 3.01 34.92 16.22
C THR A 191 4.41 34.60 15.73
N HIS A 192 5.40 35.25 16.34
CA HIS A 192 6.80 35.14 15.94
C HIS A 192 7.65 34.98 17.18
N HIS A 193 8.40 33.88 17.28
CA HIS A 193 9.33 33.67 18.37
C HIS A 193 10.68 33.23 17.81
N ALA A 194 11.74 33.46 18.58
CA ALA A 194 13.09 33.11 18.17
C ALA A 194 13.48 31.78 18.81
N VAL A 195 13.38 30.70 18.03
CA VAL A 195 13.78 29.38 18.53
C VAL A 195 15.29 29.33 18.72
N SER A 196 16.04 29.97 17.83
CA SER A 196 17.49 29.98 17.89
C SER A 196 17.98 31.36 17.47
N ASP A 197 19.30 31.50 17.40
CA ASP A 197 19.89 32.74 16.93
C ASP A 197 19.62 32.98 15.45
N HIS A 198 19.30 31.91 14.70
CA HIS A 198 19.08 32.02 13.26
C HIS A 198 17.76 31.43 12.79
N GLU A 199 17.00 30.76 13.66
CA GLU A 199 15.69 30.24 13.30
C GLU A 199 14.62 30.85 14.19
N ALA A 200 13.40 30.93 13.66
CA ALA A 200 12.27 31.50 14.37
C ALA A 200 11.01 30.75 13.99
N THR A 201 10.14 30.54 14.96
CA THR A 201 8.87 29.88 14.73
C THR A 201 7.78 30.93 14.45
N LEU A 202 7.11 30.76 13.32
CA LEU A 202 5.92 31.52 12.95
C LEU A 202 4.70 30.64 13.18
N ARG A 203 3.72 31.17 13.91
CA ARG A 203 2.54 30.40 14.30
C ARG A 203 1.28 31.14 13.87
N CYS A 204 0.45 30.43 13.11
CA CYS A 204 -0.78 30.95 12.54
C CYS A 204 -1.95 30.46 13.39
N TRP A 205 -2.70 31.40 13.96
CA TRP A 205 -3.78 31.11 14.89
C TRP A 205 -5.13 31.42 14.26
N ALA A 206 -6.06 30.47 14.35
CA ALA A 206 -7.47 30.68 14.07
C ALA A 206 -8.27 30.34 15.32
N LEU A 207 -9.12 31.27 15.77
CA LEU A 207 -9.85 31.12 17.01
C LEU A 207 -11.32 31.46 16.83
N SER A 208 -12.17 30.81 17.65
CA SER A 208 -13.56 31.22 17.83
C SER A 208 -14.36 31.06 16.53
N PHE A 209 -14.21 29.90 15.89
CA PHE A 209 -14.90 29.65 14.64
C PHE A 209 -15.87 28.47 14.79
N TYR A 210 -16.87 28.46 13.93
CA TYR A 210 -17.89 27.41 13.87
C TYR A 210 -18.47 27.47 12.47
N PRO A 211 -18.68 26.33 11.81
CA PRO A 211 -18.41 24.96 12.26
C PRO A 211 -16.93 24.62 12.37
N ALA A 212 -16.62 23.40 12.82
CA ALA A 212 -15.25 23.02 13.09
C ALA A 212 -14.43 22.81 11.81
N GLU A 213 -15.09 22.56 10.67
CA GLU A 213 -14.38 22.34 9.43
C GLU A 213 -13.61 23.56 8.92
N ILE A 214 -12.28 23.48 9.01
CA ILE A 214 -11.39 24.57 8.63
C ILE A 214 -10.16 23.98 7.94
N THR A 215 -9.36 24.84 7.34
CA THR A 215 -8.09 24.39 6.75
C THR A 215 -7.04 25.48 6.93
N LEU A 216 -5.94 25.13 7.57
CA LEU A 216 -4.78 26.00 7.67
C LEU A 216 -3.64 25.42 6.86
N THR A 217 -3.02 26.23 6.03
CA THR A 217 -1.91 25.80 5.19
C THR A 217 -0.80 26.83 5.29
N TRP A 218 0.43 26.35 5.45
CA TRP A 218 1.60 27.21 5.36
C TRP A 218 2.22 27.04 3.97
N GLN A 219 2.73 28.12 3.43
CA GLN A 219 3.34 28.12 2.11
C GLN A 219 4.65 28.89 2.16
N ARG A 220 5.62 28.47 1.34
CA ARG A 220 6.89 29.15 1.18
C ARG A 220 7.11 29.38 -0.30
N ASP A 221 7.27 30.65 -0.69
CA ASP A 221 7.31 31.01 -2.10
C ASP A 221 6.05 30.57 -2.84
N GLY A 222 4.93 30.47 -2.11
CA GLY A 222 3.71 29.93 -2.68
C GLY A 222 3.67 28.42 -2.80
N GLU A 223 4.69 27.72 -2.31
CA GLU A 223 4.78 26.27 -2.39
C GLU A 223 4.35 25.66 -1.05
N ASP A 224 3.61 24.55 -1.12
CA ASP A 224 3.10 23.92 0.09
C ASP A 224 4.25 23.43 0.97
N GLN A 225 4.15 23.74 2.26
CA GLN A 225 5.11 23.31 3.27
C GLN A 225 4.56 22.16 4.10
N THR A 226 3.72 21.31 3.50
CA THR A 226 2.98 20.32 4.27
C THR A 226 3.87 19.45 5.16
N GLN A 227 5.08 19.13 4.70
CA GLN A 227 5.91 18.18 5.41
C GLN A 227 6.69 18.82 6.56
N ASP A 228 6.84 20.14 6.57
CA ASP A 228 7.61 20.83 7.60
C ASP A 228 6.76 21.76 8.45
N THR A 229 5.44 21.65 8.37
CA THR A 229 4.53 22.47 9.17
C THR A 229 3.88 21.61 10.24
N GLU A 230 3.88 22.10 11.47
CA GLU A 230 3.25 21.40 12.58
C GLU A 230 1.80 21.87 12.71
N LEU A 231 0.87 20.93 12.64
CA LEU A 231 -0.56 21.23 12.56
C LEU A 231 -1.30 20.42 13.63
N VAL A 232 -1.81 21.11 14.65
CA VAL A 232 -2.52 20.44 15.73
C VAL A 232 -3.97 20.20 15.34
N GLU A 233 -4.57 19.19 15.96
CA GLU A 233 -5.97 18.89 15.72
C GLU A 233 -6.83 20.09 16.12
N THR A 234 -7.94 20.27 15.40
CA THR A 234 -8.93 21.26 15.79
C THR A 234 -9.45 20.94 17.18
N ARG A 235 -9.46 21.94 18.06
CA ARG A 235 -9.82 21.73 19.45
C ARG A 235 -10.98 22.62 19.86
N PRO A 236 -11.85 22.15 20.76
CA PRO A 236 -12.99 22.96 21.20
C PRO A 236 -12.60 24.00 22.24
N ALA A 237 -13.09 25.22 22.04
CA ALA A 237 -12.86 26.27 23.03
C ALA A 237 -13.69 26.08 24.29
N GLY A 238 -14.73 25.26 24.23
CA GLY A 238 -15.59 25.03 25.37
C GLY A 238 -16.89 25.80 25.37
N ASP A 239 -17.12 26.66 24.36
CA ASP A 239 -18.31 27.49 24.32
C ASP A 239 -19.01 27.46 22.96
N GLY A 240 -18.89 26.35 22.24
CA GLY A 240 -19.47 26.23 20.92
C GLY A 240 -18.57 26.63 19.77
N THR A 241 -17.36 27.11 20.05
CA THR A 241 -16.41 27.52 19.02
C THR A 241 -15.16 26.66 19.12
N PHE A 242 -14.30 26.77 18.10
CA PHE A 242 -13.13 25.91 17.98
C PHE A 242 -11.88 26.74 17.73
N GLN A 243 -10.74 26.09 17.92
CA GLN A 243 -9.44 26.72 17.77
C GLN A 243 -8.52 25.81 16.96
N LYS A 244 -7.52 26.42 16.34
CA LYS A 244 -6.51 25.66 15.61
C LYS A 244 -5.32 26.59 15.37
N TRP A 245 -4.16 25.99 15.21
CA TRP A 245 -2.99 26.75 14.81
C TRP A 245 -2.03 25.84 14.04
N ALA A 246 -1.19 26.48 13.24
CA ALA A 246 -0.18 25.79 12.44
C ALA A 246 1.12 26.58 12.49
N ALA A 247 2.23 25.89 12.72
CA ALA A 247 3.50 26.55 12.93
C ALA A 247 4.55 26.03 11.96
N VAL A 248 5.48 26.91 11.60
CA VAL A 248 6.64 26.56 10.80
C VAL A 248 7.87 27.21 11.43
N VAL A 249 9.01 26.56 11.24
CA VAL A 249 10.30 27.12 11.63
C VAL A 249 10.97 27.66 10.38
N VAL A 250 11.43 28.91 10.45
CA VAL A 250 11.94 29.62 9.29
C VAL A 250 13.30 30.23 9.64
N PRO A 251 14.22 30.33 8.69
CA PRO A 251 15.44 31.09 8.95
C PRO A 251 15.15 32.58 9.11
N SER A 252 15.84 33.20 10.05
CA SER A 252 15.63 34.61 10.33
C SER A 252 15.93 35.44 9.08
N GLY A 253 14.99 36.33 8.74
CA GLY A 253 15.11 37.17 7.57
C GLY A 253 14.38 36.67 6.35
N GLN A 254 13.63 35.58 6.47
CA GLN A 254 12.92 35.01 5.33
C GLN A 254 11.41 34.95 5.57
N GLU A 255 10.92 35.54 6.66
CA GLU A 255 9.51 35.40 7.01
C GLU A 255 8.59 35.91 5.91
N GLN A 256 9.01 36.96 5.19
CA GLN A 256 8.17 37.52 4.14
C GLN A 256 7.96 36.56 2.97
N ARG A 257 8.66 35.42 2.95
CA ARG A 257 8.42 34.40 1.94
C ARG A 257 7.32 33.42 2.36
N TYR A 258 6.95 33.41 3.64
CA TYR A 258 5.98 32.46 4.16
C TYR A 258 4.60 33.10 4.29
N THR A 259 3.57 32.35 3.90
CA THR A 259 2.19 32.80 4.00
C THR A 259 1.33 31.70 4.62
N CYS A 260 0.34 32.11 5.41
CA CYS A 260 -0.61 31.20 6.00
C CYS A 260 -1.96 31.40 5.34
N HIS A 261 -2.55 30.32 4.84
CA HIS A 261 -3.81 30.34 4.11
C HIS A 261 -4.89 29.67 4.95
N VAL A 262 -5.99 30.41 5.15
CA VAL A 262 -7.09 29.98 6.01
C VAL A 262 -8.34 29.80 5.16
N GLN A 263 -8.95 28.64 5.24
CA GLN A 263 -10.18 28.32 4.51
C GLN A 263 -11.26 27.93 5.51
N HIS A 264 -12.39 28.64 5.47
CA HIS A 264 -13.49 28.38 6.38
C HIS A 264 -14.78 28.89 5.76
N GLU A 265 -15.89 28.22 6.09
CA GLU A 265 -17.17 28.54 5.48
C GLU A 265 -17.62 29.96 5.80
N GLY A 266 -17.24 30.47 6.96
CA GLY A 266 -17.53 31.83 7.33
C GLY A 266 -16.71 32.88 6.62
N LEU A 267 -15.73 32.48 5.81
CA LEU A 267 -14.93 33.47 5.08
C LEU A 267 -15.40 33.57 3.64
N PRO A 268 -15.69 34.78 3.14
CA PRO A 268 -16.08 34.87 1.72
C PRO A 268 -14.99 34.39 0.79
N LYS A 269 -13.75 34.84 1.01
CA LYS A 269 -12.57 34.32 0.34
C LYS A 269 -11.62 33.74 1.38
N PRO A 270 -10.81 32.76 1.01
CA PRO A 270 -9.74 32.32 1.92
C PRO A 270 -8.80 33.47 2.23
N LEU A 271 -8.26 33.45 3.45
CA LEU A 271 -7.39 34.51 3.93
C LEU A 271 -5.92 34.14 3.71
N THR A 272 -5.12 35.14 3.37
CA THR A 272 -3.68 35.00 3.25
C THR A 272 -3.01 35.95 4.24
N LEU A 273 -2.20 35.39 5.14
CA LEU A 273 -1.54 36.15 6.19
C LEU A 273 -0.03 36.05 6.01
N ARG A 274 0.65 37.16 6.23
CA ARG A 274 2.10 37.23 6.13
C ARG A 274 2.63 38.06 7.29
N TRP A 275 3.76 37.62 7.85
CA TRP A 275 4.33 38.33 8.99
C TRP A 275 4.76 39.73 8.57
N GLU A 276 4.62 40.68 9.49
CA GLU A 276 4.99 42.07 9.24
C GLU A 276 6.10 42.54 10.19
N MET B 1 -6.64 -6.47 19.21
CA MET B 1 -7.22 -5.25 19.85
C MET B 1 -6.22 -4.10 19.80
N ILE B 2 -6.49 -3.11 18.96
CA ILE B 2 -5.61 -1.96 18.82
C ILE B 2 -5.76 -1.04 20.02
N GLN B 3 -4.65 -0.42 20.41
CA GLN B 3 -4.64 0.62 21.43
C GLN B 3 -4.16 1.92 20.81
N ARG B 4 -4.43 3.03 21.50
CA ARG B 4 -4.05 4.34 21.00
C ARG B 4 -3.76 5.25 22.19
N THR B 5 -2.65 5.99 22.10
CA THR B 5 -2.19 6.88 23.15
C THR B 5 -2.84 8.26 23.01
N PRO B 6 -3.17 8.91 24.13
CA PRO B 6 -3.89 10.20 24.05
C PRO B 6 -3.00 11.35 23.61
N LYS B 7 -3.50 12.12 22.64
CA LYS B 7 -2.93 13.41 22.30
C LYS B 7 -3.48 14.46 23.26
N ILE B 8 -2.60 15.30 23.80
CA ILE B 8 -2.95 16.26 24.84
C ILE B 8 -2.70 17.67 24.35
N GLN B 9 -3.65 18.56 24.61
CA GLN B 9 -3.47 19.99 24.36
C GLN B 9 -3.91 20.77 25.59
N VAL B 10 -3.15 21.78 25.97
CA VAL B 10 -3.46 22.62 27.12
C VAL B 10 -3.52 24.06 26.64
N TYR B 11 -4.59 24.76 26.98
CA TYR B 11 -4.81 26.10 26.44
C TYR B 11 -5.87 26.80 27.26
N SER B 12 -6.30 27.97 26.80
CA SER B 12 -7.36 28.73 27.44
C SER B 12 -8.49 28.94 26.44
N ARG B 13 -9.72 29.06 26.98
CA ARG B 13 -10.85 29.30 26.10
C ARG B 13 -10.69 30.62 25.36
N HIS B 14 -10.22 31.66 26.03
CA HIS B 14 -9.95 32.95 25.42
C HIS B 14 -8.47 33.28 25.54
N PRO B 15 -7.93 34.13 24.65
CA PRO B 15 -6.53 34.54 24.80
C PRO B 15 -6.23 35.06 26.18
N ALA B 16 -5.26 34.43 26.86
CA ALA B 16 -5.01 34.71 28.26
C ALA B 16 -4.59 36.16 28.47
N GLU B 17 -5.15 36.78 29.50
CA GLU B 17 -4.73 38.11 29.95
C GLU B 17 -4.66 38.09 31.46
N ASN B 18 -3.52 38.53 31.99
CA ASN B 18 -3.26 38.39 33.41
C ASN B 18 -4.27 39.19 34.23
N GLY B 19 -4.99 38.50 35.11
CA GLY B 19 -5.91 39.14 36.02
C GLY B 19 -7.35 39.19 35.57
N LYS B 20 -7.73 38.39 34.58
CA LYS B 20 -9.10 38.35 34.09
C LYS B 20 -9.56 36.90 33.98
N SER B 21 -10.84 36.68 34.23
CA SER B 21 -11.37 35.32 34.32
C SER B 21 -11.21 34.61 32.97
N ASN B 22 -10.93 33.32 33.02
CA ASN B 22 -10.81 32.51 31.83
C ASN B 22 -11.06 31.06 32.21
N PHE B 23 -11.05 30.19 31.20
CA PHE B 23 -11.09 28.76 31.42
C PHE B 23 -9.77 28.13 30.97
N LEU B 24 -9.34 27.13 31.72
CA LEU B 24 -8.14 26.35 31.39
C LEU B 24 -8.58 25.02 30.82
N ASN B 25 -8.47 24.88 29.51
CA ASN B 25 -8.88 23.67 28.81
C ASN B 25 -7.72 22.69 28.64
N CYS B 26 -8.01 21.41 28.89
CA CYS B 26 -7.12 20.30 28.56
C CYS B 26 -7.91 19.32 27.71
N TYR B 27 -7.52 19.22 26.44
CA TYR B 27 -8.22 18.39 25.46
C TYR B 27 -7.39 17.14 25.20
N VAL B 28 -7.94 15.98 25.56
CA VAL B 28 -7.33 14.70 25.30
C VAL B 28 -8.11 14.02 24.18
N SER B 29 -7.40 13.43 23.24
CA SER B 29 -8.08 12.89 22.06
C SER B 29 -7.31 11.69 21.53
N GLY B 30 -7.98 10.93 20.66
CA GLY B 30 -7.33 9.83 19.98
C GLY B 30 -6.95 8.63 20.80
N PHE B 31 -7.44 8.53 22.04
CA PHE B 31 -7.05 7.44 22.92
C PHE B 31 -8.06 6.29 22.97
N HIS B 32 -7.56 5.12 23.34
CA HIS B 32 -8.38 3.91 23.40
C HIS B 32 -7.65 2.90 24.27
N PRO B 33 -8.34 2.23 25.22
CA PRO B 33 -9.76 2.33 25.54
C PRO B 33 -10.15 3.63 26.23
N SER B 34 -11.42 3.74 26.59
CA SER B 34 -11.97 5.00 27.11
C SER B 34 -11.44 5.34 28.49
N ASP B 35 -11.16 4.35 29.32
CA ASP B 35 -10.74 4.62 30.69
C ASP B 35 -9.47 5.46 30.70
N ILE B 36 -9.58 6.67 31.26
CA ILE B 36 -8.47 7.62 31.27
C ILE B 36 -8.60 8.47 32.53
N GLU B 37 -7.47 9.00 32.99
CA GLU B 37 -7.44 9.85 34.18
C GLU B 37 -6.81 11.18 33.79
N VAL B 38 -7.42 12.28 34.23
CA VAL B 38 -6.96 13.62 33.91
C VAL B 38 -7.04 14.49 35.16
N ASP B 39 -6.02 15.32 35.34
CA ASP B 39 -5.97 16.30 36.42
C ASP B 39 -5.44 17.60 35.86
N LEU B 40 -5.94 18.72 36.40
CA LEU B 40 -5.43 20.05 36.06
C LEU B 40 -4.65 20.57 37.27
N LEU B 41 -3.36 20.80 37.07
CA LEU B 41 -2.44 21.13 38.14
C LEU B 41 -2.16 22.62 38.13
N LYS B 42 -2.20 23.23 39.32
CA LYS B 42 -1.76 24.61 39.52
C LYS B 42 -0.55 24.59 40.45
N ASN B 43 0.60 25.03 39.93
CA ASN B 43 1.83 25.12 40.71
C ASN B 43 2.16 23.80 41.39
N GLY B 44 1.77 22.69 40.76
CA GLY B 44 2.04 21.38 41.31
C GLY B 44 0.81 20.69 41.87
N GLU B 45 0.06 21.42 42.70
CA GLU B 45 -1.19 20.89 43.24
C GLU B 45 -2.23 20.72 42.14
N ARG B 46 -3.17 19.80 42.37
CA ARG B 46 -4.24 19.57 41.43
C ARG B 46 -5.47 20.37 41.82
N ILE B 47 -6.13 20.93 40.83
CA ILE B 47 -7.36 21.70 41.07
C ILE B 47 -8.51 20.74 41.30
N GLU B 48 -9.41 21.10 42.22
CA GLU B 48 -10.59 20.32 42.51
C GLU B 48 -11.80 20.74 41.67
N LYS B 49 -11.91 22.03 41.36
CA LYS B 49 -13.06 22.58 40.63
C LYS B 49 -12.95 22.28 39.13
N VAL B 50 -12.90 21.00 38.79
CA VAL B 50 -12.66 20.57 37.42
C VAL B 50 -13.88 19.82 36.91
N GLU B 51 -14.33 20.18 35.72
CA GLU B 51 -15.43 19.50 35.03
C GLU B 51 -14.88 18.82 33.78
N HIS B 52 -15.75 18.07 33.11
CA HIS B 52 -15.35 17.45 31.85
C HIS B 52 -16.59 17.18 30.99
N SER B 53 -16.36 17.09 29.69
CA SER B 53 -17.42 16.85 28.73
C SER B 53 -17.83 15.38 28.78
N ASP B 54 -18.71 15.00 27.86
CA ASP B 54 -19.22 13.64 27.79
C ASP B 54 -18.47 12.87 26.72
N LEU B 55 -18.23 11.59 27.00
CA LEU B 55 -17.41 10.79 26.11
C LEU B 55 -18.00 10.75 24.72
N SER B 56 -17.16 11.02 23.73
CA SER B 56 -17.53 10.92 22.32
C SER B 56 -16.31 10.36 21.58
N PHE B 57 -16.46 10.16 20.27
CA PHE B 57 -15.35 9.63 19.49
C PHE B 57 -15.38 10.17 18.07
N SER B 58 -14.22 10.09 17.41
CA SER B 58 -14.05 10.63 16.07
C SER B 58 -14.25 9.52 15.03
N LYS B 59 -14.02 9.86 13.76
CA LYS B 59 -14.30 8.92 12.68
C LYS B 59 -13.41 7.68 12.75
N ASP B 60 -12.29 7.74 13.46
CA ASP B 60 -11.43 6.58 13.65
C ASP B 60 -11.83 5.75 14.86
N TRP B 61 -12.96 6.07 15.49
CA TRP B 61 -13.49 5.38 16.67
C TRP B 61 -12.69 5.65 17.92
N SER B 62 -11.78 6.62 17.91
CA SER B 62 -11.00 6.95 19.09
C SER B 62 -11.71 8.03 19.90
N PHE B 63 -11.54 7.97 21.21
CA PHE B 63 -12.28 8.80 22.15
C PHE B 63 -11.59 10.15 22.34
N TYR B 64 -12.39 11.12 22.79
CA TYR B 64 -11.86 12.43 23.15
C TYR B 64 -12.69 13.04 24.26
N LEU B 65 -12.02 13.83 25.09
CA LEU B 65 -12.61 14.49 26.24
C LEU B 65 -12.00 15.87 26.42
N LEU B 66 -12.72 16.72 27.13
CA LEU B 66 -12.28 18.07 27.44
C LEU B 66 -12.48 18.31 28.93
N TYR B 67 -11.40 18.61 29.64
CA TYR B 67 -11.46 18.98 31.04
C TYR B 67 -11.20 20.47 31.18
N TYR B 68 -11.97 21.13 32.04
CA TYR B 68 -11.85 22.58 32.15
C TYR B 68 -12.23 23.06 33.54
N THR B 69 -11.73 24.25 33.87
CA THR B 69 -12.01 24.88 35.15
C THR B 69 -11.86 26.38 34.98
N GLU B 70 -12.49 27.12 35.89
CA GLU B 70 -12.42 28.57 35.87
C GLU B 70 -11.20 29.01 36.66
N PHE B 71 -10.39 29.90 36.07
CA PHE B 71 -9.19 30.40 36.73
C PHE B 71 -8.91 31.81 36.26
N THR B 72 -8.17 32.54 37.08
CA THR B 72 -7.69 33.88 36.71
C THR B 72 -6.19 33.81 36.51
N PRO B 73 -5.70 33.72 35.27
CA PRO B 73 -4.25 33.58 35.07
C PRO B 73 -3.50 34.80 35.56
N THR B 74 -2.40 34.54 36.28
CA THR B 74 -1.51 35.60 36.76
C THR B 74 -0.12 35.16 36.35
N GLU B 75 0.68 36.17 35.97
CA GLU B 75 2.10 35.95 35.66
C GLU B 75 2.65 35.38 36.97
N LYS B 76 3.43 34.31 36.84
CA LYS B 76 3.94 33.53 37.97
C LYS B 76 3.08 32.38 38.49
N ASP B 77 2.10 31.95 37.70
CA ASP B 77 1.25 30.81 38.05
C ASP B 77 1.48 29.69 37.06
N GLU B 78 1.90 28.53 37.54
CA GLU B 78 2.14 27.37 36.70
C GLU B 78 0.87 26.55 36.57
N TYR B 79 0.50 26.22 35.33
CA TYR B 79 -0.67 25.39 35.06
C TYR B 79 -0.27 24.28 34.10
N ALA B 80 -0.78 23.08 34.37
CA ALA B 80 -0.44 21.92 33.56
C ALA B 80 -1.60 20.92 33.55
N CYS B 81 -1.49 19.94 32.67
CA CYS B 81 -2.45 18.85 32.57
C CYS B 81 -1.70 17.54 32.76
N ARG B 82 -2.13 16.74 33.72
CA ARG B 82 -1.50 15.45 34.04
C ARG B 82 -2.50 14.35 33.72
N VAL B 83 -2.14 13.50 32.76
CA VAL B 83 -3.03 12.41 32.35
C VAL B 83 -2.33 11.08 32.60
N ASN B 84 -3.14 10.09 32.96
CA ASN B 84 -2.68 8.71 33.10
C ASN B 84 -3.59 7.82 32.28
N HIS B 85 -2.98 6.96 31.47
CA HIS B 85 -3.70 6.06 30.57
C HIS B 85 -2.96 4.73 30.55
N VAL B 86 -3.67 3.68 30.14
CA VAL B 86 -3.08 2.35 30.13
C VAL B 86 -1.88 2.30 29.19
N THR B 87 -1.95 3.01 28.07
CA THR B 87 -0.86 3.02 27.11
C THR B 87 0.33 3.86 27.55
N LEU B 88 0.31 4.39 28.78
CA LEU B 88 1.39 5.20 29.31
C LEU B 88 1.98 4.49 30.53
N SER B 89 3.27 4.15 30.45
CA SER B 89 3.95 3.53 31.57
C SER B 89 4.07 4.48 32.75
N GLN B 90 4.04 5.78 32.52
CA GLN B 90 4.09 6.79 33.56
C GLN B 90 3.13 7.93 33.19
N PRO B 91 2.61 8.64 34.19
CA PRO B 91 1.72 9.77 33.87
C PRO B 91 2.45 10.82 33.03
N LYS B 92 1.71 11.39 32.09
CA LYS B 92 2.24 12.40 31.18
C LYS B 92 1.75 13.77 31.61
N ILE B 93 2.69 14.71 31.72
CA ILE B 93 2.41 16.08 32.13
C ILE B 93 2.68 17.01 30.96
N VAL B 94 1.80 17.99 30.77
CA VAL B 94 1.96 19.00 29.73
C VAL B 94 1.74 20.36 30.37
N LYS B 95 2.77 21.21 30.37
CA LYS B 95 2.64 22.54 30.94
C LYS B 95 1.87 23.45 30.00
N TRP B 96 1.16 24.41 30.59
CA TRP B 96 0.40 25.38 29.82
C TRP B 96 1.36 26.47 29.33
N ASP B 97 1.61 26.49 28.03
CA ASP B 97 2.32 27.59 27.39
C ASP B 97 1.28 28.57 26.88
N ARG B 98 1.34 29.81 27.38
CA ARG B 98 0.32 30.81 27.06
C ARG B 98 0.20 31.05 25.56
N ASP B 99 1.23 30.72 24.77
CA ASP B 99 1.18 30.81 23.33
C ASP B 99 1.02 29.44 22.65
N MET B 100 0.51 28.45 23.36
CA MET B 100 0.14 27.18 22.76
C MET B 100 -1.23 26.73 23.28
N LYS C 1 -34.22 12.69 17.19
CA LYS C 1 -34.85 11.52 17.88
C LYS C 1 -34.19 10.21 17.49
N GLN C 2 -34.04 9.32 18.46
CA GLN C 2 -33.35 8.06 18.26
C GLN C 2 -34.24 7.02 17.58
N TRP C 3 -33.58 6.00 17.03
CA TRP C 3 -34.28 4.88 16.42
C TRP C 3 -34.99 4.05 17.48
N LEU C 4 -36.16 3.55 17.12
CA LEU C 4 -37.02 2.84 18.04
C LEU C 4 -36.72 1.34 18.11
N VAL C 5 -36.05 0.79 17.12
CA VAL C 5 -35.85 -0.65 17.03
C VAL C 5 -34.69 -1.09 17.92
N TRP C 6 -34.77 -2.32 18.43
CA TRP C 6 -33.67 -2.95 19.14
C TRP C 6 -32.83 -3.74 18.14
N LEU C 7 -31.60 -3.30 17.91
CA LEU C 7 -30.71 -3.94 16.95
C LEU C 7 -29.63 -4.71 17.69
N PHE C 8 -29.49 -5.99 17.36
CA PHE C 8 -28.51 -6.87 17.98
C PHE C 8 -27.48 -7.31 16.97
N LEU C 9 -26.31 -7.67 17.48
CA LEU C 9 -25.22 -8.16 16.66
C LEU C 9 -25.26 -9.69 16.68
N GLN D 3 26.32 14.68 -11.06
CA GLN D 3 26.20 13.88 -12.31
C GLN D 3 25.04 12.88 -12.15
N THR D 4 24.09 12.90 -13.10
CA THR D 4 22.95 12.00 -13.05
C THR D 4 22.53 11.64 -14.48
N VAL D 5 21.73 10.58 -14.58
CA VAL D 5 21.11 10.20 -15.84
C VAL D 5 19.65 9.88 -15.54
N THR D 6 18.75 10.37 -16.38
CA THR D 6 17.32 10.29 -16.17
C THR D 6 16.66 9.67 -17.38
N GLN D 7 15.90 8.61 -17.15
CA GLN D 7 15.00 8.01 -18.13
C GLN D 7 13.60 8.23 -17.57
N SER D 8 12.88 9.21 -18.13
CA SER D 8 11.63 9.65 -17.53
C SER D 8 10.50 8.64 -17.70
N GLN D 9 10.59 7.75 -18.69
CA GLN D 9 9.50 6.81 -18.97
C GLN D 9 9.86 5.44 -18.44
N PRO D 10 9.21 4.95 -17.38
CA PRO D 10 9.55 3.60 -16.88
C PRO D 10 9.11 2.48 -17.79
N GLU D 11 8.14 2.72 -18.68
CA GLU D 11 7.55 1.64 -19.45
C GLU D 11 7.03 2.21 -20.77
N MET D 12 7.32 1.52 -21.87
CA MET D 12 6.84 1.91 -23.18
C MET D 12 6.34 0.67 -23.92
N SER D 13 5.40 0.88 -24.83
CA SER D 13 4.88 -0.17 -25.69
C SER D 13 5.01 0.25 -27.13
N VAL D 14 5.18 -0.74 -28.01
CA VAL D 14 5.35 -0.48 -29.43
C VAL D 14 4.89 -1.70 -30.20
N GLN D 15 4.11 -1.47 -31.25
CA GLN D 15 3.67 -2.54 -32.11
C GLN D 15 4.86 -3.14 -32.86
N GLU D 16 4.74 -4.44 -33.18
CA GLU D 16 5.77 -5.11 -33.94
C GLU D 16 5.92 -4.42 -35.29
N ALA D 17 7.17 -4.24 -35.71
CA ALA D 17 7.58 -3.64 -36.98
C ALA D 17 7.44 -2.12 -36.98
N GLU D 18 7.17 -1.49 -35.85
CA GLU D 18 7.12 -0.04 -35.75
C GLU D 18 8.33 0.40 -34.93
N THR D 19 8.68 1.67 -35.09
CA THR D 19 9.84 2.26 -34.44
C THR D 19 9.45 2.88 -33.10
N VAL D 20 10.41 2.93 -32.19
CA VAL D 20 10.18 3.50 -30.86
C VAL D 20 11.46 4.16 -30.39
N THR D 21 11.31 5.30 -29.70
CA THR D 21 12.44 6.06 -29.19
C THR D 21 12.39 6.03 -27.66
N LEU D 22 13.48 5.61 -27.05
CA LEU D 22 13.62 5.65 -25.59
C LEU D 22 14.44 6.87 -25.22
N SER D 23 13.90 7.68 -24.32
CA SER D 23 14.52 8.95 -23.98
C SER D 23 15.53 8.78 -22.85
N CYS D 24 16.53 9.65 -22.85
CA CYS D 24 17.50 9.71 -21.78
C CYS D 24 18.14 11.09 -21.80
N THR D 25 18.32 11.66 -20.62
CA THR D 25 19.07 12.90 -20.47
C THR D 25 20.09 12.72 -19.37
N TYR D 26 21.24 13.37 -19.52
CA TYR D 26 22.30 13.28 -18.52
C TYR D 26 22.67 14.66 -18.04
N ASP D 27 23.31 14.71 -16.88
CA ASP D 27 23.79 15.95 -16.31
C ASP D 27 25.19 15.74 -15.77
N THR D 28 26.14 16.55 -16.24
CA THR D 28 27.51 16.58 -15.77
C THR D 28 28.11 17.93 -16.14
N SER D 29 29.06 18.37 -15.33
CA SER D 29 29.80 19.59 -15.61
C SER D 29 31.02 19.35 -16.48
N GLU D 30 31.38 18.10 -16.74
CA GLU D 30 32.58 17.81 -17.49
C GLU D 30 32.28 17.86 -18.99
N SER D 31 33.34 17.96 -19.77
CA SER D 31 33.23 18.09 -21.22
C SER D 31 33.53 16.79 -21.96
N ASP D 32 34.20 15.85 -21.30
CA ASP D 32 34.49 14.53 -21.87
C ASP D 32 33.81 13.47 -21.03
N TYR D 33 33.05 12.61 -21.68
CA TYR D 33 32.33 11.55 -20.98
C TYR D 33 32.04 10.44 -21.99
N TYR D 34 31.52 9.33 -21.49
CA TYR D 34 31.14 8.19 -22.32
C TYR D 34 29.67 7.95 -22.01
N LEU D 35 28.91 7.58 -23.03
CA LEU D 35 27.50 7.23 -22.85
C LEU D 35 27.26 5.83 -23.41
N PHE D 36 26.29 5.14 -22.82
CA PHE D 36 26.00 3.77 -23.22
C PHE D 36 24.50 3.51 -23.18
N TRP D 37 24.05 2.65 -24.10
CA TRP D 37 22.75 2.00 -24.01
C TRP D 37 22.98 0.51 -23.84
N TYR D 38 22.47 -0.05 -22.73
CA TYR D 38 22.56 -1.47 -22.40
C TYR D 38 21.18 -2.11 -22.37
N LYS D 39 21.13 -3.39 -22.72
CA LYS D 39 19.87 -4.12 -22.78
C LYS D 39 19.91 -5.31 -21.83
N GLN D 40 18.83 -5.51 -21.08
CA GLN D 40 18.69 -6.60 -20.13
C GLN D 40 17.38 -7.34 -20.40
N PRO D 41 17.44 -8.50 -21.05
CA PRO D 41 16.23 -9.32 -21.20
C PRO D 41 15.82 -9.94 -19.88
N PRO D 42 14.70 -10.66 -19.86
CA PRO D 42 14.29 -11.33 -18.62
C PRO D 42 15.34 -12.29 -18.06
N SER D 43 16.30 -12.74 -18.87
CA SER D 43 17.39 -13.57 -18.38
C SER D 43 18.32 -12.82 -17.44
N ARG D 44 18.20 -11.50 -17.35
CA ARG D 44 19.04 -10.62 -16.53
C ARG D 44 20.45 -10.44 -17.08
N GLN D 45 20.73 -10.92 -18.28
CA GLN D 45 22.05 -10.79 -18.89
C GLN D 45 22.15 -9.45 -19.62
N MET D 46 23.04 -8.58 -19.13
CA MET D 46 23.27 -7.30 -19.79
C MET D 46 24.03 -7.49 -21.09
N ILE D 47 23.64 -6.74 -22.12
CA ILE D 47 24.35 -6.73 -23.40
C ILE D 47 24.40 -5.30 -23.90
N LEU D 48 25.58 -4.86 -24.34
CA LEU D 48 25.73 -3.51 -24.87
C LEU D 48 24.89 -3.35 -26.13
N VAL D 49 24.18 -2.23 -26.21
CA VAL D 49 23.48 -1.85 -27.42
C VAL D 49 24.25 -0.79 -28.18
N ILE D 50 24.70 0.26 -27.49
CA ILE D 50 25.38 1.37 -28.16
C ILE D 50 26.42 1.96 -27.22
N ARG D 51 27.61 2.21 -27.76
CA ARG D 51 28.67 2.95 -27.09
C ARG D 51 28.85 4.29 -27.80
N GLN D 52 28.77 5.39 -27.06
CA GLN D 52 28.96 6.74 -27.68
C GLN D 52 30.09 7.50 -26.95
N GLU D 53 31.30 7.47 -27.47
CA GLU D 53 32.38 8.31 -26.88
C GLU D 53 31.98 9.78 -27.07
N ALA D 54 32.45 10.71 -26.26
CA ALA D 54 31.99 12.10 -26.52
C ALA D 54 33.03 12.79 -27.40
N TYR D 55 34.27 12.25 -27.40
CA TYR D 55 35.37 12.74 -28.27
C TYR D 55 34.83 12.70 -29.68
N LYS D 56 34.45 11.53 -30.14
CA LYS D 56 33.89 11.38 -31.51
C LYS D 56 32.39 11.61 -31.49
N GLN D 57 31.77 11.59 -32.65
CA GLN D 57 30.30 11.70 -32.72
C GLN D 57 29.79 10.50 -33.50
N GLN D 58 28.52 10.13 -33.31
CA GLN D 58 27.95 8.89 -33.90
C GLN D 58 27.91 8.87 -35.44
N ASN D 59 28.14 7.68 -36.01
CA ASN D 59 28.04 7.35 -37.48
C ASN D 59 26.64 6.76 -37.76
N ALA D 60 26.33 6.39 -39.02
CA ALA D 60 24.98 5.87 -39.24
C ALA D 60 25.00 4.36 -38.98
N THR D 61 24.52 3.95 -37.80
CA THR D 61 24.54 2.55 -37.43
C THR D 61 23.64 1.74 -38.36
N GLU D 62 24.24 0.85 -39.16
CA GLU D 62 23.51 0.09 -40.17
C GLU D 62 22.51 -0.89 -39.58
N ASN D 63 22.58 -1.17 -38.28
CA ASN D 63 21.62 -2.07 -37.65
C ASN D 63 20.32 -1.29 -37.39
N ARG D 64 19.40 -1.91 -36.64
CA ARG D 64 18.11 -1.30 -36.37
C ARG D 64 18.14 -0.38 -35.15
N PHE D 65 19.31 -0.16 -34.57
CA PHE D 65 19.48 0.63 -33.36
C PHE D 65 20.34 1.85 -33.68
N SER D 66 19.83 3.04 -33.35
CA SER D 66 20.59 4.27 -33.55
C SER D 66 20.40 5.17 -32.35
N VAL D 67 21.21 6.21 -32.25
CA VAL D 67 21.11 7.17 -31.17
C VAL D 67 21.05 8.58 -31.74
N ASN D 68 20.17 9.39 -31.17
CA ASN D 68 20.16 10.83 -31.38
C ASN D 68 20.87 11.46 -30.18
N PHE D 69 22.08 11.95 -30.43
CA PHE D 69 22.94 12.51 -29.39
C PHE D 69 23.02 14.02 -29.61
N GLN D 70 22.28 14.76 -28.78
CA GLN D 70 22.31 16.22 -28.79
C GLN D 70 23.14 16.64 -27.58
N LYS D 71 24.42 16.93 -27.81
CA LYS D 71 25.32 17.26 -26.71
C LYS D 71 24.91 18.56 -26.04
N ALA D 72 24.54 19.58 -26.83
CA ALA D 72 24.14 20.85 -26.25
C ALA D 72 22.91 20.69 -25.37
N ALA D 73 21.99 19.79 -25.75
CA ALA D 73 20.77 19.56 -24.98
C ALA D 73 20.93 18.46 -23.94
N LYS D 74 22.10 17.83 -23.88
CA LYS D 74 22.33 16.73 -22.94
C LYS D 74 21.35 15.59 -23.16
N SER D 75 20.97 15.35 -24.42
CA SER D 75 20.03 14.30 -24.78
C SER D 75 20.76 13.16 -25.48
N PHE D 76 20.35 11.93 -25.19
CA PHE D 76 20.98 10.74 -25.77
C PHE D 76 19.92 9.66 -25.92
N SER D 77 19.03 9.85 -26.90
CA SER D 77 17.91 8.95 -27.06
C SER D 77 18.26 7.81 -27.99
N LEU D 78 17.61 6.66 -27.77
CA LEU D 78 17.86 5.44 -28.55
C LEU D 78 16.63 5.11 -29.40
N LYS D 79 16.81 5.09 -30.71
CA LYS D 79 15.75 4.70 -31.64
C LYS D 79 15.94 3.24 -32.03
N ILE D 80 14.88 2.46 -31.85
CA ILE D 80 14.80 1.07 -32.29
C ILE D 80 13.80 1.03 -33.43
N SER D 81 14.28 0.72 -34.63
CA SER D 81 13.41 0.66 -35.80
C SER D 81 13.10 -0.79 -36.13
N ASP D 82 11.89 -1.01 -36.69
CA ASP D 82 11.42 -2.33 -37.07
C ASP D 82 11.43 -3.27 -35.86
N SER D 83 10.63 -2.91 -34.86
CA SER D 83 10.62 -3.64 -33.61
C SER D 83 10.27 -5.11 -33.82
N GLN D 84 11.10 -5.99 -33.26
CA GLN D 84 10.83 -7.42 -33.26
C GLN D 84 10.60 -7.89 -31.83
N LEU D 85 9.92 -9.03 -31.71
CA LEU D 85 9.51 -9.50 -30.38
C LEU D 85 10.71 -9.65 -29.46
N GLY D 86 11.85 -10.08 -30.01
CA GLY D 86 13.05 -10.25 -29.21
C GLY D 86 13.57 -8.99 -28.56
N ASP D 87 13.01 -7.82 -28.89
CA ASP D 87 13.46 -6.57 -28.28
C ASP D 87 12.87 -6.33 -26.91
N ALA D 88 11.83 -7.08 -26.53
CA ALA D 88 11.18 -6.83 -25.25
C ALA D 88 12.13 -7.04 -24.09
N ALA D 89 12.44 -5.97 -23.36
CA ALA D 89 13.45 -6.07 -22.32
C ALA D 89 13.57 -4.73 -21.60
N MET D 90 14.38 -4.70 -20.55
CA MET D 90 14.75 -3.44 -19.92
C MET D 90 15.89 -2.81 -20.69
N TYR D 91 15.81 -1.50 -20.93
CA TYR D 91 16.87 -0.76 -21.59
C TYR D 91 17.36 0.32 -20.64
N PHE D 92 18.68 0.40 -20.47
CA PHE D 92 19.30 1.27 -19.50
C PHE D 92 20.21 2.26 -20.22
N CYS D 93 20.18 3.50 -19.73
CA CYS D 93 21.05 4.57 -20.16
C CYS D 93 22.14 4.73 -19.11
N ALA D 94 23.40 4.69 -19.56
CA ALA D 94 24.53 4.74 -18.63
C ALA D 94 25.49 5.84 -19.05
N PHE D 95 26.24 6.34 -18.07
CA PHE D 95 27.12 7.49 -18.25
C PHE D 95 28.38 7.32 -17.41
N MET D 96 29.50 7.81 -17.93
CA MET D 96 30.74 7.78 -17.14
C MET D 96 31.62 8.98 -17.47
N ASP D 97 32.20 9.59 -16.43
CA ASP D 97 33.11 10.71 -16.64
C ASP D 97 34.35 10.53 -15.78
N SER D 98 34.96 11.63 -15.30
CA SER D 98 36.21 11.51 -14.57
C SER D 98 36.05 10.77 -13.25
N ASN D 99 34.82 10.68 -12.72
CA ASN D 99 34.57 9.82 -11.56
C ASN D 99 34.87 8.36 -11.89
N TYR D 100 34.94 8.01 -13.17
CA TYR D 100 35.27 6.65 -13.60
C TYR D 100 34.33 5.63 -12.95
N GLN D 101 33.06 6.02 -12.82
CA GLN D 101 32.00 5.16 -12.31
C GLN D 101 30.86 5.17 -13.31
N LEU D 102 30.41 3.98 -13.71
CA LEU D 102 29.30 3.86 -14.66
C LEU D 102 28.01 4.17 -13.93
N ILE D 103 27.40 5.31 -14.26
CA ILE D 103 26.18 5.77 -13.63
C ILE D 103 24.99 5.31 -14.47
N TRP D 104 24.04 4.64 -13.82
CA TRP D 104 22.92 4.01 -14.51
C TRP D 104 21.66 4.85 -14.36
N GLY D 105 20.79 4.76 -15.37
CA GLY D 105 19.45 5.31 -15.27
C GLY D 105 18.45 4.30 -14.72
N ALA D 106 17.26 4.79 -14.41
CA ALA D 106 16.22 3.94 -13.83
C ALA D 106 15.85 2.78 -14.76
N GLY D 107 15.97 2.97 -16.06
CA GLY D 107 15.65 1.96 -17.04
C GLY D 107 14.23 2.11 -17.57
N THR D 108 14.03 1.64 -18.80
CA THR D 108 12.73 1.68 -19.46
C THR D 108 12.39 0.27 -19.95
N LYS D 109 11.21 -0.22 -19.55
CA LYS D 109 10.76 -1.54 -19.95
C LYS D 109 10.06 -1.45 -21.30
N LEU D 110 10.69 -2.00 -22.33
CA LEU D 110 10.11 -2.03 -23.67
C LEU D 110 9.29 -3.29 -23.84
N ILE D 111 8.00 -3.11 -24.15
CA ILE D 111 7.04 -4.19 -24.33
C ILE D 111 6.61 -4.20 -25.79
N ILE D 112 6.74 -5.35 -26.44
CA ILE D 112 6.50 -5.48 -27.88
C ILE D 112 5.14 -6.14 -28.09
N LYS D 113 4.22 -5.43 -28.73
CA LYS D 113 2.90 -5.96 -29.00
C LYS D 113 2.93 -6.67 -30.35
N PRO D 114 2.75 -7.99 -30.40
CA PRO D 114 2.91 -8.71 -31.66
C PRO D 114 1.81 -8.41 -32.65
N ASN D 115 2.04 -8.80 -33.90
CA ASN D 115 1.10 -8.59 -34.99
C ASN D 115 0.32 -9.89 -35.20
N ILE D 116 -0.79 -10.04 -34.48
CA ILE D 116 -1.67 -11.19 -34.66
C ILE D 116 -2.36 -11.04 -36.01
N GLN D 117 -1.99 -11.87 -36.97
CA GLN D 117 -2.49 -11.69 -38.34
C GLN D 117 -3.94 -12.15 -38.48
N ASN D 118 -4.29 -13.30 -37.91
CA ASN D 118 -5.65 -13.84 -37.98
C ASN D 118 -6.13 -14.14 -36.56
N PRO D 119 -6.50 -13.10 -35.81
CA PRO D 119 -6.90 -13.32 -34.41
C PRO D 119 -8.13 -14.21 -34.32
N ASP D 120 -8.19 -15.00 -33.25
CA ASP D 120 -9.29 -15.93 -33.02
C ASP D 120 -9.40 -16.19 -31.52
N PRO D 121 -9.81 -15.18 -30.76
CA PRO D 121 -9.83 -15.32 -29.30
C PRO D 121 -10.69 -16.51 -28.87
N ALA D 122 -10.18 -17.24 -27.88
CA ALA D 122 -10.90 -18.40 -27.37
C ALA D 122 -10.44 -18.69 -25.95
N VAL D 123 -11.33 -19.35 -25.20
CA VAL D 123 -11.05 -19.76 -23.81
C VAL D 123 -11.30 -21.26 -23.74
N TYR D 124 -10.22 -22.05 -23.70
CA TYR D 124 -10.32 -23.49 -23.63
C TYR D 124 -10.06 -23.98 -22.21
N GLN D 125 -10.45 -25.23 -21.95
CA GLN D 125 -10.24 -25.86 -20.65
C GLN D 125 -9.34 -27.08 -20.82
N LEU D 126 -8.35 -27.19 -19.95
CA LEU D 126 -7.37 -28.27 -20.00
C LEU D 126 -7.44 -29.07 -18.72
N ARG D 127 -7.44 -30.40 -18.85
CA ARG D 127 -7.43 -31.31 -17.72
C ARG D 127 -6.00 -31.70 -17.36
N ASP D 128 -5.76 -31.90 -16.07
CA ASP D 128 -4.44 -32.32 -15.61
C ASP D 128 -4.17 -33.76 -16.03
N SER D 129 -2.90 -34.05 -16.33
CA SER D 129 -2.53 -35.38 -16.81
C SER D 129 -2.73 -36.44 -15.74
N LYS D 130 -2.30 -36.16 -14.51
CA LYS D 130 -2.38 -37.15 -13.44
C LYS D 130 -3.79 -37.23 -12.87
N SER D 131 -4.32 -36.09 -12.41
CA SER D 131 -5.62 -36.04 -11.76
C SER D 131 -6.63 -35.37 -12.68
N SER D 132 -7.82 -35.97 -12.79
CA SER D 132 -8.93 -35.33 -13.48
C SER D 132 -9.58 -34.23 -12.65
N ASP D 133 -8.98 -33.86 -11.51
CA ASP D 133 -9.57 -32.91 -10.59
C ASP D 133 -9.28 -31.48 -11.03
N LYS D 134 -8.20 -30.88 -10.52
CA LYS D 134 -7.92 -29.49 -10.86
C LYS D 134 -7.74 -29.33 -12.36
N SER D 135 -8.11 -28.17 -12.85
CA SER D 135 -8.14 -27.89 -14.28
C SER D 135 -7.65 -26.47 -14.52
N VAL D 136 -7.38 -26.16 -15.78
CA VAL D 136 -6.83 -24.87 -16.16
C VAL D 136 -7.67 -24.28 -17.28
N CYS D 137 -7.82 -22.96 -17.28
CA CYS D 137 -8.47 -22.24 -18.37
C CYS D 137 -7.41 -21.44 -19.12
N LEU D 138 -7.40 -21.58 -20.45
CA LEU D 138 -6.40 -20.96 -21.31
C LEU D 138 -7.10 -20.00 -22.26
N PHE D 139 -6.86 -18.71 -22.06
CA PHE D 139 -7.30 -17.65 -22.97
C PHE D 139 -6.21 -17.45 -24.02
N THR D 140 -6.57 -17.52 -25.29
CA THR D 140 -5.54 -17.52 -26.32
C THR D 140 -6.06 -16.98 -27.64
N ASP D 141 -5.11 -16.52 -28.47
CA ASP D 141 -5.34 -16.14 -29.85
C ASP D 141 -6.10 -14.82 -29.98
N PHE D 142 -5.97 -13.94 -29.00
CA PHE D 142 -6.56 -12.62 -29.07
C PHE D 142 -5.53 -11.61 -29.58
N ASP D 143 -6.03 -10.51 -30.14
CA ASP D 143 -5.14 -9.48 -30.67
C ASP D 143 -4.46 -8.75 -29.52
N SER D 144 -3.31 -8.15 -29.83
CA SER D 144 -2.42 -7.61 -28.81
C SER D 144 -3.00 -6.39 -28.10
N GLN D 145 -4.11 -5.84 -28.58
CA GLN D 145 -4.72 -4.70 -27.90
C GLN D 145 -5.42 -5.11 -26.62
N THR D 146 -5.90 -6.34 -26.55
CA THR D 146 -6.56 -6.83 -25.35
C THR D 146 -5.55 -6.92 -24.20
N ASN D 147 -6.00 -6.54 -23.01
CA ASN D 147 -5.20 -6.60 -21.79
C ASN D 147 -5.90 -7.51 -20.79
N VAL D 148 -5.11 -8.25 -20.02
CA VAL D 148 -5.60 -9.20 -19.04
C VAL D 148 -5.48 -8.59 -17.65
N SER D 149 -6.62 -8.38 -17.00
CA SER D 149 -6.65 -7.83 -15.66
C SER D 149 -6.38 -8.94 -14.63
N GLN D 150 -5.94 -8.51 -13.45
CA GLN D 150 -5.61 -9.44 -12.39
C GLN D 150 -6.87 -10.06 -11.79
N SER D 151 -6.67 -11.17 -11.09
CA SER D 151 -7.78 -11.87 -10.46
C SER D 151 -8.42 -11.01 -9.39
N LYS D 152 -9.75 -11.00 -9.38
CA LYS D 152 -10.51 -10.27 -8.37
C LYS D 152 -10.46 -10.99 -7.03
N ASP D 153 -10.49 -12.32 -7.05
CA ASP D 153 -10.53 -13.13 -5.85
C ASP D 153 -9.16 -13.75 -5.56
N SER D 154 -8.85 -13.88 -4.26
CA SER D 154 -7.55 -14.41 -3.86
C SER D 154 -7.37 -15.86 -4.30
N ASP D 155 -8.46 -16.63 -4.37
CA ASP D 155 -8.40 -18.03 -4.75
C ASP D 155 -8.50 -18.24 -6.25
N VAL D 156 -8.65 -17.18 -7.04
CA VAL D 156 -8.52 -17.24 -8.49
C VAL D 156 -7.15 -16.71 -8.85
N TYR D 157 -6.43 -17.46 -9.69
CA TYR D 157 -5.08 -17.10 -10.10
C TYR D 157 -5.06 -16.88 -11.60
N ILE D 158 -4.64 -15.68 -12.00
CA ILE D 158 -4.59 -15.29 -13.40
C ILE D 158 -3.20 -14.74 -13.69
N THR D 159 -2.57 -15.25 -14.75
CA THR D 159 -1.24 -14.80 -15.15
C THR D 159 -1.37 -13.75 -16.24
N ASP D 160 -0.39 -12.85 -16.29
CA ASP D 160 -0.40 -11.81 -17.30
C ASP D 160 -0.26 -12.43 -18.68
N LYS D 161 -0.51 -11.61 -19.70
CA LYS D 161 -0.42 -12.09 -21.07
C LYS D 161 1.02 -12.49 -21.39
N CYS D 162 1.14 -13.52 -22.22
CA CYS D 162 2.42 -14.07 -22.64
C CYS D 162 2.33 -14.32 -24.14
N VAL D 163 3.33 -13.86 -24.89
CA VAL D 163 3.34 -14.03 -26.33
C VAL D 163 4.29 -15.18 -26.67
N LEU D 164 3.78 -16.18 -27.39
CA LEU D 164 4.57 -17.32 -27.81
C LEU D 164 4.69 -17.31 -29.34
N ASP D 165 5.76 -17.92 -29.83
CA ASP D 165 6.09 -17.91 -31.26
C ASP D 165 6.38 -19.36 -31.64
N MET D 166 5.49 -19.95 -32.43
CA MET D 166 5.83 -21.16 -33.17
C MET D 166 6.67 -20.66 -34.34
N ARG D 167 7.99 -20.62 -34.13
CA ARG D 167 8.92 -20.11 -35.11
C ARG D 167 9.04 -21.00 -36.33
N SER D 168 8.51 -22.22 -36.27
CA SER D 168 8.55 -23.13 -37.40
C SER D 168 7.44 -22.87 -38.40
N MET D 169 6.40 -22.13 -38.00
CA MET D 169 5.30 -21.79 -38.89
C MET D 169 5.07 -20.28 -38.95
N ASP D 170 5.99 -19.48 -38.42
CA ASP D 170 5.81 -18.04 -38.34
C ASP D 170 4.44 -17.71 -37.75
N PHE D 171 4.20 -18.24 -36.55
CA PHE D 171 2.90 -18.09 -35.91
C PHE D 171 3.08 -17.57 -34.49
N LYS D 172 2.60 -16.37 -34.22
CA LYS D 172 2.64 -15.80 -32.88
C LYS D 172 1.24 -15.78 -32.29
N SER D 173 1.15 -16.03 -30.99
CA SER D 173 -0.14 -16.04 -30.31
C SER D 173 0.03 -15.52 -28.89
N ASN D 174 -0.94 -14.72 -28.45
CA ASN D 174 -1.01 -14.29 -27.06
C ASN D 174 -1.77 -15.34 -26.26
N SER D 175 -1.48 -15.40 -24.96
CA SER D 175 -2.16 -16.37 -24.12
C SER D 175 -2.09 -15.92 -22.66
N ALA D 176 -2.98 -16.51 -21.86
CA ALA D 176 -3.05 -16.24 -20.43
C ALA D 176 -3.73 -17.43 -19.76
N VAL D 177 -3.35 -17.69 -18.52
CA VAL D 177 -3.76 -18.90 -17.82
C VAL D 177 -4.47 -18.52 -16.54
N ALA D 178 -5.59 -19.18 -16.26
CA ALA D 178 -6.29 -19.06 -15.00
C ALA D 178 -6.51 -20.45 -14.42
N TRP D 179 -6.53 -20.53 -13.10
CA TRP D 179 -6.80 -21.80 -12.46
C TRP D 179 -7.27 -21.56 -11.03
N SER D 180 -8.05 -22.51 -10.52
CA SER D 180 -8.55 -22.46 -9.12
C SER D 180 -8.85 -23.89 -8.66
N ASN D 181 -8.69 -24.15 -7.36
CA ASN D 181 -9.03 -25.48 -6.78
C ASN D 181 -10.47 -25.34 -6.30
N LYS D 182 -11.04 -24.16 -6.55
CA LYS D 182 -12.39 -23.79 -6.13
C LYS D 182 -13.36 -24.70 -6.86
N SER D 183 -14.33 -25.27 -6.13
CA SER D 183 -15.36 -26.16 -6.68
C SER D 183 -16.48 -25.35 -7.36
N ASP D 184 -16.24 -24.05 -7.55
CA ASP D 184 -17.18 -23.17 -8.23
C ASP D 184 -16.58 -22.58 -9.51
N PHE D 185 -15.32 -22.91 -9.82
CA PHE D 185 -14.63 -22.31 -10.95
C PHE D 185 -15.27 -22.72 -12.27
N ALA D 186 -15.17 -21.84 -13.26
CA ALA D 186 -15.67 -22.11 -14.60
C ALA D 186 -14.98 -21.16 -15.57
N CYS D 187 -14.63 -21.67 -16.75
CA CYS D 187 -13.87 -20.87 -17.69
C CYS D 187 -14.72 -19.77 -18.35
N ALA D 188 -16.04 -19.84 -18.24
CA ALA D 188 -16.87 -18.73 -18.70
C ALA D 188 -16.91 -17.59 -17.69
N ASN D 189 -16.51 -17.84 -16.44
CA ASN D 189 -16.42 -16.81 -15.42
C ASN D 189 -15.01 -16.30 -15.19
N ALA D 190 -14.00 -17.11 -15.50
CA ALA D 190 -12.61 -16.66 -15.39
C ALA D 190 -12.32 -15.61 -16.44
N PHE D 191 -11.46 -14.65 -16.06
CA PHE D 191 -11.10 -13.53 -16.90
C PHE D 191 -12.23 -12.52 -17.05
N ASN D 192 -13.20 -12.52 -16.14
CA ASN D 192 -14.27 -11.52 -16.17
C ASN D 192 -13.81 -10.17 -15.64
N ASN D 193 -12.59 -10.08 -15.11
CA ASN D 193 -12.00 -8.79 -14.78
C ASN D 193 -11.41 -8.09 -15.99
N SER D 194 -11.19 -8.82 -17.08
CA SER D 194 -10.61 -8.29 -18.29
C SER D 194 -11.70 -8.02 -19.32
N ILE D 195 -11.31 -7.36 -20.41
CA ILE D 195 -12.26 -7.01 -21.47
C ILE D 195 -12.25 -8.18 -22.46
N ILE D 196 -13.13 -9.14 -22.23
CA ILE D 196 -13.23 -10.31 -23.11
C ILE D 196 -13.73 -9.83 -24.47
N PRO D 197 -13.00 -10.09 -25.56
CA PRO D 197 -13.48 -9.65 -26.88
C PRO D 197 -14.85 -10.23 -27.18
N GLU D 198 -15.60 -9.49 -28.02
CA GLU D 198 -16.94 -9.93 -28.38
C GLU D 198 -16.91 -11.31 -29.04
N ASP D 199 -16.00 -11.51 -29.98
CA ASP D 199 -15.97 -12.73 -30.79
C ASP D 199 -15.11 -13.80 -30.12
N THR D 200 -15.41 -14.10 -28.86
CA THR D 200 -14.65 -15.07 -28.08
C THR D 200 -15.39 -16.40 -28.06
N PHE D 201 -14.62 -17.48 -28.17
CA PHE D 201 -15.15 -18.82 -28.31
C PHE D 201 -15.11 -19.54 -26.96
N PHE D 202 -16.28 -19.94 -26.47
CA PHE D 202 -16.39 -20.74 -25.26
C PHE D 202 -17.00 -22.09 -25.63
N PRO D 203 -16.17 -23.14 -25.78
CA PRO D 203 -16.73 -24.44 -26.17
C PRO D 203 -17.53 -25.05 -25.03
N SER D 204 -18.46 -25.93 -25.40
CA SER D 204 -19.31 -26.59 -24.42
C SER D 204 -18.69 -27.92 -23.98
N ASP E 2 29.54 -17.28 -25.08
CA ASP E 2 30.68 -18.14 -25.41
C ASP E 2 31.66 -18.24 -24.23
N ALA E 3 32.55 -17.23 -24.11
CA ALA E 3 33.57 -17.20 -23.06
C ALA E 3 33.59 -15.80 -22.44
N GLY E 4 32.54 -15.49 -21.69
CA GLY E 4 32.40 -14.21 -21.04
C GLY E 4 32.72 -14.26 -19.56
N VAL E 5 32.27 -13.24 -18.84
CA VAL E 5 32.45 -13.19 -17.40
C VAL E 5 31.73 -14.38 -16.76
N ILE E 6 32.35 -14.95 -15.74
CA ILE E 6 31.79 -16.09 -15.03
C ILE E 6 31.46 -15.65 -13.60
N GLN E 7 30.30 -16.08 -13.12
CA GLN E 7 29.88 -15.81 -11.75
C GLN E 7 29.38 -17.08 -11.10
N SER E 8 29.64 -17.20 -9.80
CA SER E 8 29.18 -18.37 -9.05
C SER E 8 28.86 -17.96 -7.62
N PRO E 9 27.76 -18.45 -7.04
CA PRO E 9 26.73 -19.30 -7.68
C PRO E 9 25.76 -18.45 -8.48
N ARG E 10 24.86 -19.09 -9.22
CA ARG E 10 23.83 -18.34 -9.91
C ARG E 10 22.64 -18.04 -9.01
N HIS E 11 22.39 -18.90 -8.03
CA HIS E 11 21.34 -18.69 -7.04
C HIS E 11 21.91 -18.99 -5.67
N GLU E 12 21.46 -18.23 -4.66
CA GLU E 12 21.92 -18.42 -3.29
C GLU E 12 20.73 -18.19 -2.37
N VAL E 13 20.22 -19.25 -1.78
CA VAL E 13 19.16 -19.18 -0.78
C VAL E 13 19.80 -19.51 0.56
N THR E 14 20.00 -18.50 1.38
CA THR E 14 20.58 -18.66 2.70
C THR E 14 19.67 -17.99 3.74
N GLU E 15 19.92 -18.28 5.00
CA GLU E 15 19.17 -17.65 6.08
C GLU E 15 20.02 -16.57 6.76
N MET E 16 19.35 -15.77 7.58
CA MET E 16 20.00 -14.66 8.27
C MET E 16 21.24 -15.12 9.00
N GLY E 17 22.17 -14.19 9.20
CA GLY E 17 23.30 -14.40 10.07
C GLY E 17 24.40 -15.26 9.52
N GLN E 18 24.23 -15.84 8.34
CA GLN E 18 25.25 -16.69 7.75
C GLN E 18 26.06 -15.91 6.72
N GLU E 19 27.23 -16.45 6.39
CA GLU E 19 28.14 -15.80 5.46
C GLU E 19 27.78 -16.15 4.03
N VAL E 20 27.69 -15.12 3.18
CA VAL E 20 27.45 -15.29 1.76
C VAL E 20 28.75 -14.97 1.03
N THR E 21 29.08 -15.77 0.03
CA THR E 21 30.30 -15.61 -0.75
C THR E 21 29.93 -15.71 -2.22
N LEU E 22 30.25 -14.66 -2.97
CA LEU E 22 30.05 -14.64 -4.42
C LEU E 22 31.43 -14.56 -5.05
N ARG E 23 31.65 -15.33 -6.11
CA ARG E 23 32.92 -15.33 -6.80
C ARG E 23 32.71 -15.03 -8.27
N CYS E 24 33.73 -14.42 -8.87
CA CYS E 24 33.66 -13.96 -10.24
C CYS E 24 35.01 -14.16 -10.90
N LYS E 25 34.98 -14.59 -12.16
CA LYS E 25 36.15 -14.72 -13.00
C LYS E 25 35.98 -13.78 -14.19
N PRO E 26 36.85 -12.80 -14.38
CA PRO E 26 36.69 -11.87 -15.50
C PRO E 26 37.07 -12.54 -16.81
N ILE E 27 36.74 -11.84 -17.90
CA ILE E 27 37.14 -12.30 -19.21
C ILE E 27 38.66 -12.39 -19.26
N SER E 28 39.16 -13.45 -19.90
CA SER E 28 40.59 -13.68 -19.95
C SER E 28 41.31 -12.49 -20.59
N GLY E 29 42.23 -11.91 -19.85
CA GLY E 29 42.99 -10.77 -20.31
C GLY E 29 42.48 -9.44 -19.83
N HIS E 30 41.28 -9.39 -19.27
CA HIS E 30 40.72 -8.13 -18.80
C HIS E 30 41.33 -7.77 -17.46
N ASN E 31 41.73 -6.51 -17.31
CA ASN E 31 42.42 -6.03 -16.13
C ASN E 31 41.56 -5.19 -15.20
N SER E 32 40.31 -4.89 -15.57
CA SER E 32 39.43 -4.12 -14.70
C SER E 32 38.21 -4.95 -14.34
N LEU E 33 37.90 -5.01 -13.04
CA LEU E 33 36.78 -5.80 -12.53
C LEU E 33 35.85 -4.96 -11.67
N PHE E 34 34.55 -5.12 -11.88
CA PHE E 34 33.53 -4.32 -11.24
C PHE E 34 32.48 -5.21 -10.57
N TRP E 35 32.02 -4.79 -9.40
CA TRP E 35 30.88 -5.43 -8.75
C TRP E 35 29.71 -4.47 -8.68
N TYR E 36 28.54 -4.91 -9.13
CA TYR E 36 27.33 -4.12 -9.14
C TYR E 36 26.22 -4.83 -8.35
N ARG E 37 25.27 -4.04 -7.86
CA ARG E 37 24.08 -4.56 -7.19
C ARG E 37 22.85 -4.01 -7.89
N GLN E 38 21.90 -4.88 -8.19
CA GLN E 38 20.62 -4.51 -8.79
C GLN E 38 19.51 -5.03 -7.89
N THR E 39 18.79 -4.12 -7.26
CA THR E 39 17.55 -4.45 -6.57
C THR E 39 16.35 -3.94 -7.35
N MET E 40 15.23 -4.64 -7.18
CA MET E 40 13.96 -4.30 -7.84
C MET E 40 14.16 -4.27 -9.36
N MET E 41 15.18 -4.98 -9.84
CA MET E 41 15.51 -5.09 -11.26
C MET E 41 15.42 -3.75 -11.98
N ARG E 42 15.94 -2.68 -11.37
CA ARG E 42 16.02 -1.38 -12.01
C ARG E 42 17.50 -1.00 -12.18
N GLY E 43 17.83 0.27 -11.96
CA GLY E 43 19.20 0.71 -12.19
C GLY E 43 20.21 -0.06 -11.36
N LEU E 44 21.44 -0.11 -11.87
CA LEU E 44 22.52 -0.78 -11.18
C LEU E 44 23.29 0.21 -10.32
N GLU E 45 23.87 -0.30 -9.23
CA GLU E 45 24.69 0.47 -8.32
C GLU E 45 26.07 -0.17 -8.24
N LEU E 46 27.11 0.61 -8.51
CA LEU E 46 28.47 0.12 -8.37
C LEU E 46 28.80 -0.10 -6.89
N LEU E 47 29.32 -1.27 -6.56
CA LEU E 47 29.78 -1.56 -5.21
C LEU E 47 31.27 -1.27 -5.07
N ILE E 48 32.09 -1.93 -5.88
CA ILE E 48 33.54 -1.79 -5.82
C ILE E 48 34.10 -2.04 -7.20
N TYR E 49 35.31 -1.51 -7.42
CA TYR E 49 35.96 -1.59 -8.73
C TYR E 49 37.46 -1.69 -8.51
N PHE E 50 38.03 -2.80 -9.03
CA PHE E 50 39.45 -3.13 -8.99
C PHE E 50 40.09 -2.90 -10.36
N ASN E 51 41.36 -2.52 -10.34
CA ASN E 51 42.19 -2.46 -11.54
C ASN E 51 43.53 -3.11 -11.24
N ASN E 52 43.87 -4.14 -12.01
CA ASN E 52 45.10 -4.90 -11.77
C ASN E 52 45.16 -5.41 -10.34
N ASN E 53 44.03 -5.96 -9.87
CA ASN E 53 43.87 -6.54 -8.54
C ASN E 53 43.90 -5.50 -7.43
N VAL E 54 43.92 -4.22 -7.76
CA VAL E 54 44.01 -3.14 -6.78
C VAL E 54 42.62 -2.53 -6.62
N PRO E 55 42.10 -2.43 -5.41
CA PRO E 55 40.79 -1.77 -5.24
C PRO E 55 40.88 -0.28 -5.49
N ILE E 56 40.30 0.18 -6.59
CA ILE E 56 40.37 1.58 -6.94
C ILE E 56 39.25 2.36 -6.27
N ASP E 57 38.03 1.83 -6.31
CA ASP E 57 36.90 2.56 -5.74
C ASP E 57 35.97 1.62 -4.99
N ASP E 58 35.72 1.91 -3.71
CA ASP E 58 34.79 1.12 -2.93
C ASP E 58 33.80 2.01 -2.16
N SER E 59 33.54 3.22 -2.67
CA SER E 59 32.62 4.12 -1.99
C SER E 59 31.19 3.62 -2.04
N GLY E 60 30.85 2.73 -2.96
CA GLY E 60 29.52 2.17 -3.03
C GLY E 60 29.30 0.98 -2.14
N MET E 61 30.31 0.53 -1.41
CA MET E 61 30.18 -0.64 -0.56
C MET E 61 29.45 -0.29 0.73
N PRO E 62 28.40 -1.03 1.09
CA PRO E 62 27.80 -0.83 2.42
C PRO E 62 28.85 -0.89 3.50
N GLU E 63 28.92 0.17 4.30
CA GLU E 63 30.03 0.36 5.24
C GLU E 63 30.41 -0.92 5.97
N ASP E 64 29.44 -1.64 6.51
CA ASP E 64 29.72 -2.83 7.30
C ASP E 64 29.13 -4.06 6.65
N ARG E 65 29.70 -5.21 6.99
CA ARG E 65 29.24 -6.53 6.60
C ARG E 65 29.65 -6.91 5.17
N PHE E 66 29.96 -5.92 4.34
CA PHE E 66 30.35 -6.18 2.96
C PHE E 66 31.85 -6.02 2.79
N SER E 67 32.48 -6.96 2.10
CA SER E 67 33.90 -6.86 1.80
C SER E 67 34.19 -7.55 0.47
N ALA E 68 35.26 -7.12 -0.19
CA ALA E 68 35.60 -7.64 -1.50
C ALA E 68 37.10 -7.82 -1.62
N LYS E 69 37.50 -8.81 -2.41
CA LYS E 69 38.89 -9.14 -2.62
C LYS E 69 39.10 -9.50 -4.08
N MET E 70 40.34 -9.31 -4.55
CA MET E 70 40.76 -9.77 -5.86
C MET E 70 42.17 -10.32 -5.72
N PRO E 71 42.31 -11.57 -5.29
CA PRO E 71 43.65 -12.11 -5.02
C PRO E 71 44.53 -12.17 -6.25
N ASN E 72 43.97 -12.58 -7.39
CA ASN E 72 44.72 -12.64 -8.64
C ASN E 72 43.84 -12.12 -9.76
N ALA E 73 44.44 -12.03 -10.95
CA ALA E 73 43.77 -11.38 -12.08
C ALA E 73 42.57 -12.17 -12.59
N SER E 74 42.37 -13.41 -12.13
CA SER E 74 41.29 -14.26 -12.64
C SER E 74 40.33 -14.69 -11.54
N PHE E 75 40.27 -13.95 -10.43
CA PHE E 75 39.41 -14.36 -9.32
C PHE E 75 39.11 -13.16 -8.44
N SER E 76 37.83 -12.95 -8.18
CA SER E 76 37.39 -11.91 -7.25
C SER E 76 36.25 -12.44 -6.40
N THR E 77 36.20 -11.98 -5.16
CA THR E 77 35.21 -12.45 -4.20
C THR E 77 34.50 -11.26 -3.54
N LEU E 78 33.22 -11.46 -3.24
CA LEU E 78 32.40 -10.51 -2.48
C LEU E 78 31.72 -11.26 -1.36
N LYS E 79 32.03 -10.90 -0.12
CA LYS E 79 31.53 -11.59 1.06
C LYS E 79 30.61 -10.66 1.85
N ILE E 80 29.46 -11.20 2.23
CA ILE E 80 28.52 -10.54 3.14
C ILE E 80 28.51 -11.35 4.42
N GLN E 81 28.89 -10.71 5.53
CA GLN E 81 29.08 -11.42 6.79
C GLN E 81 28.81 -10.47 7.95
N PRO E 82 27.74 -10.66 8.73
CA PRO E 82 26.65 -11.64 8.54
C PRO E 82 25.59 -11.13 7.57
N SER E 83 25.04 -12.04 6.76
CA SER E 83 24.03 -11.64 5.80
C SER E 83 22.74 -11.27 6.49
N GLU E 84 22.00 -10.37 5.88
CA GLU E 84 20.73 -9.89 6.40
C GLU E 84 19.71 -9.88 5.28
N PRO E 85 18.42 -9.91 5.61
CA PRO E 85 17.42 -10.03 4.54
C PRO E 85 17.48 -8.91 3.50
N ARG E 86 17.79 -7.68 3.92
CA ARG E 86 17.78 -6.56 3.00
C ARG E 86 18.89 -6.65 1.95
N ASP E 87 19.85 -7.57 2.12
CA ASP E 87 20.89 -7.79 1.14
C ASP E 87 20.40 -8.58 -0.07
N SER E 88 19.16 -9.06 -0.06
CA SER E 88 18.65 -9.87 -1.16
C SER E 88 18.45 -9.10 -2.46
N ALA E 89 19.25 -9.44 -3.48
CA ALA E 89 19.21 -8.73 -4.75
C ALA E 89 20.00 -9.51 -5.78
N VAL E 90 20.19 -8.97 -6.98
CA VAL E 90 21.05 -9.60 -7.97
C VAL E 90 22.37 -8.88 -7.96
N TYR E 91 23.45 -9.60 -7.68
CA TYR E 91 24.79 -9.04 -7.70
C TYR E 91 25.45 -9.44 -9.00
N PHE E 92 25.88 -8.45 -9.78
CA PHE E 92 26.50 -8.67 -11.07
C PHE E 92 28.00 -8.42 -10.97
N CYS E 93 28.74 -9.14 -11.80
CA CYS E 93 30.17 -8.92 -11.97
C CYS E 93 30.44 -8.52 -13.41
N ALA E 94 31.32 -7.55 -13.60
CA ALA E 94 31.66 -7.08 -14.93
C ALA E 94 33.17 -6.93 -15.06
N SER E 95 33.64 -6.95 -16.30
CA SER E 95 35.06 -6.77 -16.56
C SER E 95 35.23 -5.89 -17.79
N SER E 96 36.29 -5.10 -17.76
CA SER E 96 36.71 -4.32 -18.91
C SER E 96 38.18 -4.57 -19.18
N ARG E 97 38.52 -4.44 -20.46
CA ARG E 97 39.82 -4.89 -20.96
C ARG E 97 40.97 -4.22 -20.20
N THR E 98 41.02 -2.88 -20.22
CA THR E 98 42.13 -2.22 -19.55
C THR E 98 41.69 -0.95 -18.83
N SER E 99 41.09 -0.07 -19.50
CA SER E 99 40.67 1.14 -18.84
C SER E 99 39.23 0.98 -18.35
N PRO E 100 38.85 1.65 -17.27
CA PRO E 100 37.42 1.67 -16.91
C PRO E 100 36.57 2.34 -17.98
N THR E 101 37.18 3.15 -18.86
CA THR E 101 36.47 3.76 -19.97
C THR E 101 36.09 2.74 -21.03
N ASP E 102 36.78 1.59 -21.06
CA ASP E 102 36.44 0.54 -22.01
C ASP E 102 35.08 -0.06 -21.70
N THR E 103 34.46 -0.62 -22.74
CA THR E 103 33.16 -1.23 -22.58
C THR E 103 33.21 -2.33 -21.53
N GLN E 104 32.21 -2.34 -20.66
CA GLN E 104 32.12 -3.33 -19.61
C GLN E 104 31.26 -4.50 -20.07
N TYR E 105 31.73 -5.71 -19.81
CA TYR E 105 30.99 -6.94 -20.12
C TYR E 105 30.53 -7.54 -18.79
N PHE E 106 29.25 -7.93 -18.73
CA PHE E 106 28.64 -8.36 -17.49
C PHE E 106 28.43 -9.88 -17.46
N GLY E 107 28.67 -10.47 -16.30
CA GLY E 107 28.37 -11.86 -16.08
C GLY E 107 26.88 -12.08 -15.93
N PRO E 108 26.46 -13.36 -15.87
CA PRO E 108 25.03 -13.66 -15.81
C PRO E 108 24.38 -13.27 -14.49
N GLY E 109 25.16 -12.93 -13.47
CA GLY E 109 24.60 -12.46 -12.23
C GLY E 109 24.36 -13.59 -11.23
N THR E 110 24.33 -13.19 -9.96
CA THR E 110 24.00 -14.08 -8.85
C THR E 110 22.78 -13.53 -8.13
N ARG E 111 21.69 -14.30 -8.13
CA ARG E 111 20.46 -13.89 -7.47
C ARG E 111 20.51 -14.40 -6.03
N LEU E 112 20.55 -13.47 -5.08
CA LEU E 112 20.70 -13.79 -3.67
C LEU E 112 19.40 -13.50 -2.94
N THR E 113 18.96 -14.47 -2.14
CA THR E 113 17.80 -14.32 -1.26
C THR E 113 18.22 -14.70 0.15
N VAL E 114 17.97 -13.80 1.09
CA VAL E 114 18.29 -14.02 2.50
C VAL E 114 16.97 -14.02 3.26
N LEU E 115 16.68 -15.13 3.93
CA LEU E 115 15.42 -15.34 4.61
C LEU E 115 15.58 -15.14 6.11
N GLU E 116 14.47 -14.82 6.77
CA GLU E 116 14.49 -14.74 8.23
C GLU E 116 14.68 -16.13 8.84
N ASP E 117 13.95 -17.11 8.34
CA ASP E 117 14.15 -18.49 8.73
C ASP E 117 13.83 -19.37 7.52
N LEU E 118 14.31 -20.61 7.58
CA LEU E 118 14.15 -21.54 6.48
C LEU E 118 12.87 -22.37 6.58
N LYS E 119 12.04 -22.11 7.60
CA LYS E 119 10.83 -22.90 7.81
C LYS E 119 9.75 -22.63 6.77
N ASN E 120 9.89 -21.60 5.95
CA ASN E 120 8.91 -21.26 4.93
C ASN E 120 9.32 -21.73 3.54
N VAL E 121 10.48 -22.38 3.41
CA VAL E 121 10.95 -22.85 2.11
C VAL E 121 10.15 -24.06 1.68
N PHE E 122 9.59 -24.01 0.47
CA PHE E 122 8.80 -25.09 -0.08
C PHE E 122 9.19 -25.32 -1.53
N PRO E 123 9.34 -26.58 -1.95
CA PRO E 123 9.59 -26.85 -3.37
C PRO E 123 8.30 -26.73 -4.16
N PRO E 124 8.39 -26.62 -5.47
CA PRO E 124 7.17 -26.50 -6.28
C PRO E 124 6.55 -27.86 -6.57
N GLU E 125 5.24 -27.85 -6.65
CA GLU E 125 4.50 -28.97 -7.22
C GLU E 125 4.28 -28.67 -8.70
N VAL E 126 4.70 -29.57 -9.56
CA VAL E 126 4.64 -29.38 -11.00
C VAL E 126 3.56 -30.29 -11.57
N ALA E 127 2.76 -29.73 -12.46
CA ALA E 127 1.71 -30.49 -13.14
C ALA E 127 1.64 -30.04 -14.59
N VAL E 128 1.26 -30.97 -15.46
CA VAL E 128 1.13 -30.72 -16.89
C VAL E 128 -0.31 -30.98 -17.29
N PHE E 129 -0.88 -30.07 -18.06
CA PHE E 129 -2.25 -30.14 -18.53
C PHE E 129 -2.22 -30.28 -20.05
N GLU E 130 -2.91 -31.30 -20.55
CA GLU E 130 -2.89 -31.64 -21.96
C GLU E 130 -3.77 -30.70 -22.76
N PRO E 131 -3.56 -30.63 -24.07
CA PRO E 131 -4.39 -29.77 -24.91
C PRO E 131 -5.84 -30.21 -24.88
N SER E 132 -6.73 -29.23 -25.08
CA SER E 132 -8.14 -29.53 -25.17
C SER E 132 -8.47 -29.96 -26.60
N GLU E 133 -9.56 -30.73 -26.74
CA GLU E 133 -9.99 -31.13 -28.06
C GLU E 133 -10.60 -29.96 -28.81
N ALA E 134 -11.18 -29.00 -28.11
CA ALA E 134 -11.75 -27.83 -28.77
C ALA E 134 -10.67 -27.04 -29.50
N GLU E 135 -9.54 -26.82 -28.83
CA GLU E 135 -8.43 -26.12 -29.46
C GLU E 135 -7.91 -26.90 -30.66
N ILE E 136 -7.75 -28.22 -30.52
CA ILE E 136 -7.22 -29.03 -31.61
C ILE E 136 -8.15 -28.98 -32.82
N SER E 137 -9.46 -29.02 -32.59
CA SER E 137 -10.43 -29.04 -33.67
C SER E 137 -10.66 -27.66 -34.28
N HIS E 138 -10.37 -26.59 -33.53
CA HIS E 138 -10.56 -25.25 -34.07
C HIS E 138 -9.30 -24.73 -34.78
N THR E 139 -8.16 -24.78 -34.11
CA THR E 139 -6.93 -24.18 -34.62
C THR E 139 -5.98 -25.18 -35.25
N GLN E 140 -6.26 -26.48 -35.17
CA GLN E 140 -5.32 -27.51 -35.60
C GLN E 140 -3.97 -27.36 -34.91
N LYS E 141 -3.99 -26.80 -33.70
CA LYS E 141 -2.82 -26.67 -32.86
C LYS E 141 -3.16 -27.19 -31.47
N ALA E 142 -2.13 -27.41 -30.67
CA ALA E 142 -2.29 -28.04 -29.37
C ALA E 142 -1.37 -27.35 -28.37
N THR E 143 -1.94 -26.87 -27.27
CA THR E 143 -1.19 -26.16 -26.25
C THR E 143 -1.19 -26.94 -24.95
N LEU E 144 -0.01 -27.39 -24.53
CA LEU E 144 0.17 -27.92 -23.19
C LEU E 144 0.44 -26.77 -22.25
N VAL E 145 0.02 -26.93 -21.00
CA VAL E 145 0.23 -25.90 -19.99
C VAL E 145 0.86 -26.54 -18.76
N CYS E 146 1.96 -25.97 -18.30
CA CYS E 146 2.63 -26.43 -17.10
C CYS E 146 2.41 -25.43 -15.98
N LEU E 147 2.05 -25.96 -14.80
CA LEU E 147 1.86 -25.16 -13.60
C LEU E 147 2.85 -25.64 -12.55
N ALA E 148 3.65 -24.72 -12.03
CA ALA E 148 4.51 -24.96 -10.88
C ALA E 148 3.98 -24.09 -9.75
N THR E 149 3.46 -24.72 -8.70
CA THR E 149 2.72 -24.03 -7.66
C THR E 149 3.35 -24.26 -6.29
N GLY E 150 3.19 -23.26 -5.42
CA GLY E 150 3.43 -23.45 -4.00
C GLY E 150 4.89 -23.51 -3.60
N PHE E 151 5.76 -22.79 -4.29
CA PHE E 151 7.19 -22.81 -3.96
C PHE E 151 7.58 -21.51 -3.29
N TYR E 152 8.67 -21.59 -2.52
CA TYR E 152 9.23 -20.42 -1.85
C TYR E 152 10.68 -20.69 -1.49
N PRO E 153 11.61 -19.75 -1.73
CA PRO E 153 11.40 -18.43 -2.33
C PRO E 153 11.30 -18.49 -3.86
N ASP E 154 11.47 -17.33 -4.51
CA ASP E 154 11.36 -17.22 -5.96
C ASP E 154 12.64 -17.54 -6.72
N HIS E 155 13.03 -18.82 -6.67
CA HIS E 155 14.23 -19.29 -7.37
C HIS E 155 13.84 -20.56 -8.13
N VAL E 156 13.35 -20.37 -9.35
CA VAL E 156 12.90 -21.49 -10.17
C VAL E 156 13.33 -21.23 -11.60
N GLU E 157 13.57 -22.32 -12.33
CA GLU E 157 13.89 -22.28 -13.75
C GLU E 157 13.09 -23.38 -14.42
N LEU E 158 12.19 -22.98 -15.31
CA LEU E 158 11.30 -23.90 -16.00
C LEU E 158 11.81 -24.16 -17.41
N SER E 159 11.69 -25.41 -17.85
CA SER E 159 12.11 -25.81 -19.18
C SER E 159 11.14 -26.85 -19.70
N TRP E 160 11.05 -26.92 -21.02
CA TRP E 160 10.24 -27.91 -21.72
C TRP E 160 11.16 -28.87 -22.46
N TRP E 161 10.82 -30.15 -22.42
CA TRP E 161 11.60 -31.18 -23.08
C TRP E 161 10.63 -32.08 -23.85
N VAL E 162 10.92 -32.25 -25.15
CA VAL E 162 10.15 -33.18 -26.02
C VAL E 162 11.13 -34.24 -26.51
N ASN E 163 10.85 -35.52 -26.23
CA ASN E 163 11.73 -36.60 -26.66
C ASN E 163 13.16 -36.38 -26.19
N GLY E 164 13.30 -36.07 -24.90
CA GLY E 164 14.60 -35.95 -24.27
C GLY E 164 15.46 -34.82 -24.75
N LYS E 165 14.89 -33.86 -25.46
CA LYS E 165 15.61 -32.68 -25.93
C LYS E 165 14.86 -31.42 -25.56
N GLU E 166 15.56 -30.48 -24.95
CA GLU E 166 14.95 -29.23 -24.54
C GLU E 166 14.57 -28.40 -25.75
N VAL E 167 13.38 -27.80 -25.71
CA VAL E 167 12.88 -27.00 -26.81
C VAL E 167 12.63 -25.56 -26.36
N HIS E 168 12.73 -24.66 -27.33
CA HIS E 168 12.43 -23.26 -27.09
C HIS E 168 11.39 -22.65 -28.03
N SER E 169 11.16 -23.23 -29.20
CA SER E 169 10.10 -22.76 -30.07
C SER E 169 8.74 -23.10 -29.47
N GLY E 170 7.78 -22.22 -29.71
CA GLY E 170 6.42 -22.42 -29.24
C GLY E 170 6.31 -22.47 -27.73
N VAL E 171 7.20 -21.77 -27.01
CA VAL E 171 7.21 -21.80 -25.55
C VAL E 171 7.00 -20.38 -25.04
N CYS E 172 6.22 -20.26 -23.97
CA CYS E 172 6.04 -19.00 -23.26
C CYS E 172 6.01 -19.27 -21.78
N THR E 173 6.99 -18.75 -21.04
CA THR E 173 7.01 -18.87 -19.60
C THR E 173 6.83 -17.48 -18.99
N ASP E 174 6.04 -17.41 -17.93
CA ASP E 174 5.75 -16.12 -17.32
C ASP E 174 7.04 -15.43 -16.94
N PRO E 175 7.17 -14.12 -17.17
CA PRO E 175 8.41 -13.43 -16.78
C PRO E 175 8.67 -13.39 -15.28
N GLN E 176 7.65 -13.07 -14.49
CA GLN E 176 7.75 -12.99 -13.04
C GLN E 176 6.72 -13.97 -12.46
N PRO E 177 7.01 -14.58 -11.31
CA PRO E 177 6.03 -15.50 -10.71
C PRO E 177 4.85 -14.76 -10.11
N LEU E 178 3.92 -15.51 -9.54
CA LEU E 178 2.63 -14.99 -9.06
C LEU E 178 2.47 -15.36 -7.60
N LYS E 179 2.13 -14.37 -6.78
CA LYS E 179 1.88 -14.63 -5.37
C LYS E 179 0.55 -15.35 -5.20
N GLU E 180 0.58 -16.56 -4.65
CA GLU E 180 -0.64 -17.30 -4.38
C GLU E 180 -1.50 -16.63 -3.31
N GLN E 181 -0.90 -15.75 -2.50
CA GLN E 181 -1.64 -14.99 -1.50
C GLN E 181 -0.99 -13.61 -1.37
N PRO E 182 -1.36 -12.67 -2.25
CA PRO E 182 -0.72 -11.34 -2.19
C PRO E 182 -0.82 -10.67 -0.83
N ALA E 183 -1.80 -11.04 -0.01
CA ALA E 183 -1.91 -10.45 1.33
C ALA E 183 -0.74 -10.87 2.21
N LEU E 184 -0.49 -12.17 2.32
CA LEU E 184 0.65 -12.65 3.09
C LEU E 184 1.95 -12.14 2.49
N ASN E 185 2.89 -11.77 3.36
CA ASN E 185 4.17 -11.26 2.90
C ASN E 185 5.12 -12.39 2.53
N ASP E 186 5.08 -13.50 3.27
CA ASP E 186 5.86 -14.69 2.97
C ASP E 186 5.13 -15.64 2.02
N SER E 187 4.20 -15.12 1.23
CA SER E 187 3.38 -15.97 0.38
C SER E 187 4.25 -16.82 -0.53
N ARG E 188 3.70 -17.98 -0.91
CA ARG E 188 4.36 -18.84 -1.87
C ARG E 188 4.02 -18.40 -3.29
N TYR E 189 4.87 -18.78 -4.22
CA TYR E 189 4.77 -18.31 -5.60
C TYR E 189 4.17 -19.39 -6.50
N ALA E 190 3.76 -18.95 -7.69
CA ALA E 190 3.28 -19.84 -8.74
C ALA E 190 3.78 -19.33 -10.08
N LEU E 191 3.92 -20.26 -11.04
CA LEU E 191 4.47 -19.95 -12.34
C LEU E 191 3.79 -20.86 -13.37
N SER E 192 3.50 -20.31 -14.55
CA SER E 192 2.87 -21.07 -15.61
C SER E 192 3.69 -20.96 -16.88
N SER E 193 3.62 -22.00 -17.71
CA SER E 193 4.30 -22.01 -18.99
C SER E 193 3.43 -22.74 -20.01
N ARG E 194 3.54 -22.33 -21.26
CA ARG E 194 2.75 -22.94 -22.33
C ARG E 194 3.69 -23.44 -23.42
N LEU E 195 3.37 -24.61 -23.96
CA LEU E 195 4.06 -25.18 -25.10
C LEU E 195 3.05 -25.48 -26.19
N ARG E 196 3.19 -24.84 -27.34
CA ARG E 196 2.26 -25.02 -28.45
C ARG E 196 2.94 -25.77 -29.58
N VAL E 197 2.32 -26.86 -30.03
CA VAL E 197 2.81 -27.67 -31.13
C VAL E 197 1.66 -27.89 -32.10
N SER E 198 1.99 -28.44 -33.26
CA SER E 198 0.95 -28.75 -34.22
C SER E 198 0.06 -29.87 -33.69
N ALA E 199 -1.19 -29.88 -34.14
CA ALA E 199 -2.11 -30.93 -33.73
C ALA E 199 -1.52 -32.30 -34.02
N THR E 200 -1.11 -32.54 -35.27
CA THR E 200 -0.58 -33.84 -35.66
C THR E 200 0.62 -34.24 -34.80
N PHE E 201 1.40 -33.27 -34.29
CA PHE E 201 2.54 -33.61 -33.45
C PHE E 201 2.08 -34.09 -32.08
N TRP E 202 1.05 -33.45 -31.51
CA TRP E 202 0.53 -33.89 -30.22
C TRP E 202 -0.17 -35.23 -30.33
N GLN E 203 -0.79 -35.51 -31.48
CA GLN E 203 -1.54 -36.74 -31.67
C GLN E 203 -0.64 -37.94 -31.96
N ASP E 204 0.66 -37.75 -32.04
CA ASP E 204 1.59 -38.86 -32.23
C ASP E 204 1.84 -39.56 -30.90
N PRO E 205 1.52 -40.85 -30.76
CA PRO E 205 1.75 -41.53 -29.47
C PRO E 205 3.21 -41.74 -29.14
N ARG E 206 4.12 -41.60 -30.11
CA ARG E 206 5.55 -41.77 -29.85
C ARG E 206 6.18 -40.54 -29.21
N ASN E 207 5.53 -39.38 -29.24
CA ASN E 207 6.10 -38.17 -28.70
C ASN E 207 5.82 -38.04 -27.21
N HIS E 208 6.84 -37.59 -26.48
CA HIS E 208 6.79 -37.46 -25.03
C HIS E 208 7.13 -36.03 -24.65
N PHE E 209 6.29 -35.43 -23.82
CA PHE E 209 6.45 -34.04 -23.40
C PHE E 209 6.69 -34.00 -21.91
N ARG E 210 7.55 -33.07 -21.47
CA ARG E 210 7.92 -32.97 -20.08
C ARG E 210 8.18 -31.52 -19.72
N CYS E 211 7.60 -31.10 -18.61
CA CYS E 211 7.89 -29.83 -17.98
C CYS E 211 8.80 -30.09 -16.80
N GLN E 212 9.90 -29.35 -16.72
CA GLN E 212 10.90 -29.53 -15.70
C GLN E 212 11.14 -28.22 -14.99
N VAL E 213 11.22 -28.26 -13.66
CA VAL E 213 11.43 -27.07 -12.86
C VAL E 213 12.61 -27.34 -11.94
N GLN E 214 13.71 -26.62 -12.16
CA GLN E 214 14.81 -26.59 -11.22
C GLN E 214 14.49 -25.59 -10.12
N PHE E 215 14.59 -26.02 -8.87
CA PHE E 215 14.27 -25.21 -7.72
C PHE E 215 15.53 -25.14 -6.86
N TYR E 216 15.81 -23.95 -6.36
CA TYR E 216 16.96 -23.69 -5.50
C TYR E 216 16.46 -23.37 -4.11
N GLY E 217 17.01 -24.07 -3.12
CA GLY E 217 16.62 -23.88 -1.74
C GLY E 217 17.70 -24.45 -0.86
N LEU E 218 17.31 -25.05 0.27
CA LEU E 218 18.28 -25.57 1.22
C LEU E 218 19.41 -26.36 0.58
N SER E 219 20.63 -26.10 1.06
CA SER E 219 21.78 -26.87 0.63
C SER E 219 21.93 -28.10 1.52
N GLU E 220 22.86 -28.97 1.13
CA GLU E 220 23.08 -30.20 1.87
C GLU E 220 23.32 -29.92 3.34
N ASN E 221 24.08 -28.87 3.65
CA ASN E 221 24.45 -28.60 5.03
C ASN E 221 23.41 -27.95 5.93
N ASP E 222 22.51 -27.15 5.34
CA ASP E 222 21.53 -26.36 6.08
C ASP E 222 20.74 -27.31 6.98
N GLU E 223 20.76 -27.06 8.28
CA GLU E 223 20.07 -27.93 9.23
C GLU E 223 18.56 -27.86 9.02
N TRP E 224 17.92 -29.03 9.07
CA TRP E 224 16.48 -29.13 8.91
C TRP E 224 15.95 -30.17 9.88
N THR E 225 14.83 -29.85 10.53
CA THR E 225 14.22 -30.76 11.49
C THR E 225 12.73 -30.42 11.55
N GLN E 226 11.99 -30.86 10.53
CA GLN E 226 10.54 -30.73 10.47
C GLN E 226 9.97 -32.04 9.99
N ASP E 227 8.66 -32.20 10.17
CA ASP E 227 7.98 -33.45 9.83
C ASP E 227 7.70 -33.58 8.33
N ARG E 228 8.21 -32.65 7.52
CA ARG E 228 8.14 -32.76 6.07
C ARG E 228 9.54 -32.84 5.46
N ALA E 229 9.60 -33.29 4.22
CA ALA E 229 10.88 -33.49 3.57
C ALA E 229 11.66 -32.19 3.46
N LYS E 230 12.94 -32.26 3.77
CA LYS E 230 13.82 -31.11 3.71
C LYS E 230 13.78 -30.50 2.31
N PRO E 231 13.34 -29.23 2.15
CA PRO E 231 13.23 -28.63 0.80
C PRO E 231 14.56 -28.19 0.20
N VAL E 232 15.33 -29.18 -0.27
CA VAL E 232 16.65 -28.92 -0.82
C VAL E 232 16.53 -28.54 -2.29
N THR E 233 17.59 -27.97 -2.84
CA THR E 233 17.67 -27.75 -4.28
C THR E 233 17.38 -29.06 -5.01
N GLN E 234 16.42 -29.02 -5.94
CA GLN E 234 15.95 -30.24 -6.56
C GLN E 234 15.23 -29.93 -7.86
N ILE E 235 15.02 -30.96 -8.66
CA ILE E 235 14.26 -30.87 -9.90
C ILE E 235 12.93 -31.58 -9.70
N VAL E 236 11.85 -30.91 -10.09
CA VAL E 236 10.52 -31.48 -10.06
C VAL E 236 9.96 -31.43 -11.48
N SER E 237 9.39 -32.54 -11.93
CA SER E 237 8.98 -32.66 -13.31
C SER E 237 7.59 -33.27 -13.42
N ALA E 238 6.97 -33.04 -14.57
CA ALA E 238 5.68 -33.64 -14.89
C ALA E 238 5.66 -33.88 -16.40
N GLU E 239 5.23 -35.06 -16.80
CA GLU E 239 5.34 -35.48 -18.19
C GLU E 239 4.00 -36.00 -18.69
N ALA E 240 3.92 -36.19 -20.00
CA ALA E 240 2.74 -36.73 -20.65
C ALA E 240 3.11 -37.23 -22.03
N TRP E 241 2.54 -38.38 -22.41
CA TRP E 241 2.66 -38.85 -23.78
C TRP E 241 1.60 -38.19 -24.67
N GLY E 242 1.91 -38.12 -25.96
CA GLY E 242 0.89 -37.74 -26.92
C GLY E 242 -0.16 -38.82 -27.08
N ARG E 243 -1.42 -38.40 -27.13
CA ARG E 243 -2.53 -39.32 -27.31
C ARG E 243 -3.13 -39.10 -28.70
N ALA E 244 -3.50 -40.20 -29.35
CA ALA E 244 -3.98 -40.17 -30.73
C ALA E 244 -5.49 -40.01 -30.81
N ASP E 245 -6.09 -39.22 -29.92
CA ASP E 245 -7.52 -38.95 -29.96
C ASP E 245 -7.90 -38.09 -31.17
#